data_7ZC7
#
_entry.id   7ZC7
#
_cell.length_a   80.860
_cell.length_b   81.739
_cell.length_c   168.175
_cell.angle_alpha   90.00
_cell.angle_beta   90.00
_cell.angle_gamma   90.00
#
_symmetry.space_group_name_H-M   'P 21 21 21'
#
loop_
_entity.id
_entity.type
_entity.pdbx_description
1 polymer 'N-glycosylase/DNA lyase'
2 non-polymer 2-[4-(3,5-dimethylpyrazol-1-yl)phenyl]-~{N}-(4,5,6,7-tetrahydro-1,2-benzoxazol-3-yl)ethanamide
3 non-polymer 'NICKEL (II) ION'
4 water water
#
_entity_poly.entity_id   1
_entity_poly.type   'polypeptide(L)'
_entity_poly.pdbx_seq_one_letter_code
;GSHMRHRTLSSSPALWASIPCPRSELRLDLVLASGQSFRWKEQSPAHWSGVLADQVWTLTQTEDQLYCTVYRGDDSQVSR
PTLEELETLHKYFQLDVSLAQLYSHWASVDSHFQRVAQKFQGVRLLRQDPTECLFSFICSSNNNIARITGMVERLCQAFG
PRLIQLDDVTYHGFPNLHALAGPEAETHLRKLGLGYRARYVRASAKAILEEQGGPAWLQQLRVAPYEEAHKALCTLPGVG
AKVADCICLMALDKPQAVPVDVHVWQIAHRDYGWHPKTSQAKGPSPLANKELGNFFRNLWGPYAGWAQAVLFSADLRQ
;
_entity_poly.pdbx_strand_id   A,B,C
#
loop_
_chem_comp.id
_chem_comp.type
_chem_comp.name
_chem_comp.formula
IKL non-polymer 2-[4-(3,5-dimethylpyrazol-1-yl)phenyl]-~{N}-(4,5,6,7-tetrahydro-1,2-benzoxazol-3-yl)ethanamide 'C20 H22 N4 O2'
NI non-polymer 'NICKEL (II) ION' 'Ni 2'
#
# COMPACT_ATOMS: atom_id res chain seq x y z
N SER A 2 -17.15 43.25 27.25
CA SER A 2 -17.40 43.02 25.75
C SER A 2 -17.29 41.56 25.36
N HIS A 3 -18.23 41.08 24.56
CA HIS A 3 -18.18 39.68 24.08
C HIS A 3 -16.95 39.47 23.15
N MET A 4 -16.19 38.39 23.42
CA MET A 4 -14.93 38.09 22.67
C MET A 4 -15.17 36.91 21.72
N ARG A 5 -14.75 37.11 20.47
CA ARG A 5 -14.83 36.12 19.41
C ARG A 5 -13.44 35.49 19.29
N HIS A 6 -13.40 34.21 18.92
CA HIS A 6 -12.21 33.65 18.29
C HIS A 6 -11.83 34.53 17.12
N ARG A 7 -10.58 35.01 17.14
CA ARG A 7 -10.03 35.93 16.15
C ARG A 7 -9.59 35.20 14.86
N THR A 8 -9.50 35.95 13.77
CA THR A 8 -8.91 35.49 12.52
C THR A 8 -7.94 36.57 12.11
N LEU A 9 -7.22 36.34 11.00
CA LEU A 9 -6.32 37.37 10.47
C LEU A 9 -7.14 38.49 9.80
N SER A 10 -8.34 38.10 9.35
CA SER A 10 -9.38 39.00 8.82
C SER A 10 -10.03 39.91 9.91
N SER A 11 -10.59 39.31 10.97
CA SER A 11 -11.12 40.03 12.15
C SER A 11 -10.02 40.48 13.15
N SER A 12 -9.57 41.72 12.97
CA SER A 12 -8.63 42.43 13.86
C SER A 12 -7.13 42.13 13.65
N PRO A 13 -6.55 42.60 12.52
CA PRO A 13 -5.09 42.64 12.29
C PRO A 13 -4.20 43.33 13.33
N ALA A 14 -4.73 44.31 14.07
CA ALA A 14 -3.99 44.99 15.16
C ALA A 14 -3.43 44.02 16.21
N LEU A 15 -4.19 42.93 16.44
CA LEU A 15 -3.99 41.97 17.52
C LEU A 15 -3.10 40.74 17.19
N TRP A 16 -2.15 40.85 16.25
CA TRP A 16 -1.28 39.73 15.88
C TRP A 16 0.18 40.13 15.83
N ALA A 17 1.04 39.30 16.43
CA ALA A 17 2.50 39.36 16.27
C ALA A 17 2.99 38.25 15.30
N SER A 18 4.30 38.26 15.02
CA SER A 18 4.90 37.35 14.04
C SER A 18 6.23 36.78 14.54
N ILE A 19 6.39 35.45 14.34
CA ILE A 19 7.67 34.77 14.54
C ILE A 19 8.14 34.29 13.15
N PRO A 20 9.39 34.67 12.75
CA PRO A 20 9.87 34.28 11.42
C PRO A 20 10.07 32.76 11.35
N CYS A 21 9.26 32.11 10.53
CA CYS A 21 9.16 30.67 10.58
C CYS A 21 8.72 30.08 9.25
N PRO A 22 9.67 29.46 8.50
CA PRO A 22 9.32 28.73 7.26
C PRO A 22 8.34 27.56 7.48
N ARG A 23 7.38 27.40 6.57
CA ARG A 23 6.45 26.23 6.59
C ARG A 23 7.18 24.88 6.40
N SER A 24 8.46 24.91 6.03
CA SER A 24 9.33 23.73 6.08
C SER A 24 9.70 23.30 7.52
N GLU A 25 9.79 24.24 8.48
CA GLU A 25 10.14 23.92 9.89
C GLU A 25 8.95 23.62 10.80
N LEU A 26 7.73 23.99 10.40
CA LEU A 26 6.52 23.74 11.23
C LEU A 26 5.23 23.82 10.41
N ARG A 27 4.48 22.73 10.41
CA ARG A 27 3.13 22.73 9.89
C ARG A 27 2.24 22.52 11.09
N LEU A 28 1.35 23.47 11.33
CA LEU A 28 0.47 23.42 12.47
C LEU A 28 -0.58 22.37 12.24
N ASP A 29 -1.15 22.29 11.04
CA ASP A 29 -2.15 21.23 10.78
C ASP A 29 -1.62 19.80 10.99
N LEU A 30 -0.30 19.65 10.99
CA LEU A 30 0.34 18.37 11.29
C LEU A 30 0.80 18.18 12.72
N VAL A 31 1.01 19.24 13.50
CA VAL A 31 1.50 19.08 14.86
C VAL A 31 0.43 19.18 15.92
N LEU A 32 -0.47 20.15 15.79
CA LEU A 32 -1.42 20.44 16.88
C LEU A 32 -2.50 19.40 17.17
N ALA A 33 -2.77 18.49 16.23
CA ALA A 33 -3.66 17.34 16.51
C ALA A 33 -3.15 16.04 15.85
N SER A 34 -1.85 15.80 16.02
CA SER A 34 -1.16 14.56 15.67
C SER A 34 -0.71 13.75 16.91
N GLY A 35 -1.45 13.92 18.01
CA GLY A 35 -1.36 13.06 19.15
C GLY A 35 -0.32 13.43 20.18
N GLN A 36 0.25 14.66 20.10
CA GLN A 36 1.25 15.14 21.09
C GLN A 36 0.60 15.89 22.26
N SER A 37 -0.13 16.96 21.94
CA SER A 37 -0.95 17.73 22.86
C SER A 37 -2.38 17.56 22.34
N PHE A 38 -3.34 17.58 23.27
CA PHE A 38 -4.74 17.32 22.93
C PHE A 38 -5.70 18.51 23.14
N ARG A 39 -5.14 19.72 23.24
CA ARG A 39 -5.83 20.94 23.73
C ARG A 39 -5.98 22.02 22.65
N TRP A 40 -5.56 21.70 21.43
CA TRP A 40 -5.64 22.60 20.30
C TRP A 40 -6.80 22.20 19.35
N LYS A 41 -7.49 23.20 18.82
CA LYS A 41 -8.69 22.97 18.05
C LYS A 41 -8.78 23.98 16.94
N GLU A 42 -9.16 23.50 15.76
CA GLU A 42 -9.32 24.38 14.60
C GLU A 42 -10.75 25.01 14.58
N GLN A 43 -10.94 26.12 15.30
CA GLN A 43 -12.30 26.70 15.50
C GLN A 43 -12.89 27.35 14.25
N SER A 44 -12.05 28.11 13.55
CA SER A 44 -12.34 28.57 12.20
C SER A 44 -11.27 27.92 11.30
N PRO A 45 -11.51 27.80 9.98
CA PRO A 45 -10.55 27.21 9.04
C PRO A 45 -9.11 27.75 9.18
N ALA A 46 -8.14 26.83 9.20
CA ALA A 46 -6.68 27.13 9.33
C ALA A 46 -6.24 28.01 10.55
N HIS A 47 -7.07 28.05 11.60
CA HIS A 47 -6.76 28.82 12.81
C HIS A 47 -6.85 27.94 14.08
N TRP A 48 -5.72 27.79 14.77
CA TRP A 48 -5.63 26.87 15.92
C TRP A 48 -5.72 27.60 17.27
N SER A 49 -6.76 27.30 18.04
CA SER A 49 -6.98 27.90 19.34
C SER A 49 -6.86 26.84 20.45
N GLY A 50 -6.13 27.15 21.51
CA GLY A 50 -6.10 26.28 22.69
C GLY A 50 -5.32 26.88 23.84
N VAL A 51 -5.43 26.27 25.01
CA VAL A 51 -4.71 26.80 26.19
C VAL A 51 -3.23 26.47 26.19
N LEU A 52 -2.42 27.44 26.56
CA LEU A 52 -1.01 27.25 26.81
C LEU A 52 -0.59 28.02 28.09
N ALA A 53 -0.01 27.31 29.06
CA ALA A 53 0.43 27.88 30.35
C ALA A 53 -0.57 28.83 31.00
N ASP A 54 -1.84 28.42 31.06
CA ASP A 54 -2.95 29.27 31.56
C ASP A 54 -3.24 30.62 30.79
N GLN A 55 -2.93 30.69 29.49
CA GLN A 55 -3.37 31.76 28.56
C GLN A 55 -3.92 31.15 27.25
N VAL A 56 -5.04 31.67 26.73
CA VAL A 56 -5.64 31.13 25.48
C VAL A 56 -5.00 31.79 24.28
N TRP A 57 -4.56 30.98 23.28
CA TRP A 57 -3.96 31.49 22.04
C TRP A 57 -4.73 31.04 20.80
N THR A 58 -4.77 31.90 19.78
CA THR A 58 -5.08 31.43 18.42
C THR A 58 -3.85 31.55 17.52
N LEU A 59 -3.59 30.49 16.73
CA LEU A 59 -2.42 30.41 15.88
C LEU A 59 -2.81 30.11 14.45
N THR A 60 -2.05 30.69 13.53
CA THR A 60 -2.18 30.43 12.11
C THR A 60 -0.85 30.83 11.46
N GLN A 61 -0.71 30.50 10.18
CA GLN A 61 0.56 30.70 9.45
C GLN A 61 0.35 30.86 7.94
N THR A 62 1.33 31.55 7.31
CA THR A 62 1.50 31.55 5.82
C THR A 62 2.77 30.72 5.46
N GLU A 63 3.33 30.87 4.25
CA GLU A 63 4.62 30.19 3.91
C GLU A 63 5.80 30.80 4.70
N ASP A 64 5.72 32.09 5.03
CA ASP A 64 6.82 32.84 5.65
C ASP A 64 6.73 32.86 7.18
N GLN A 65 5.51 33.10 7.64
CA GLN A 65 5.27 33.66 8.95
C GLN A 65 4.26 32.84 9.72
N LEU A 66 4.58 32.61 11.01
CA LEU A 66 3.68 32.04 12.02
C LEU A 66 3.07 33.22 12.75
N TYR A 67 1.75 33.34 12.65
CA TYR A 67 1.02 34.47 13.27
C TYR A 67 0.32 34.06 14.58
N CYS A 68 0.55 34.86 15.61
CA CYS A 68 0.11 34.59 16.98
C CYS A 68 -0.76 35.71 17.53
N THR A 69 -1.82 35.33 18.23
CA THR A 69 -2.62 36.27 19.03
C THR A 69 -2.95 35.62 20.35
N VAL A 70 -3.06 36.42 21.40
CA VAL A 70 -3.32 35.93 22.79
C VAL A 70 -4.59 36.54 23.42
N TYR A 71 -5.26 35.75 24.26
CA TYR A 71 -6.44 36.19 25.00
C TYR A 71 -6.17 36.09 26.52
N ARG A 72 -6.04 37.27 27.16
CA ARG A 72 -5.71 37.42 28.60
C ARG A 72 -6.87 38.10 29.35
N SER A 79 -4.82 43.96 23.56
CA SER A 79 -3.36 43.93 23.47
C SER A 79 -2.87 42.65 22.78
N ARG A 80 -1.66 42.71 22.23
CA ARG A 80 -1.07 41.60 21.42
C ARG A 80 0.23 41.09 22.10
N PRO A 81 0.68 39.86 21.74
CA PRO A 81 1.82 39.22 22.40
C PRO A 81 3.08 40.09 22.61
N THR A 82 3.78 39.84 23.72
CA THR A 82 5.04 40.53 24.09
C THR A 82 6.25 39.81 23.48
N LEU A 83 7.46 40.19 23.90
CA LEU A 83 8.66 39.35 23.72
C LEU A 83 8.61 38.16 24.68
N GLU A 84 8.24 38.40 25.94
CA GLU A 84 8.08 37.34 26.94
C GLU A 84 7.20 36.21 26.41
N GLU A 85 6.01 36.59 25.92
CA GLU A 85 5.00 35.64 25.47
C GLU A 85 5.34 34.95 24.15
N LEU A 86 6.15 35.59 23.31
CA LEU A 86 6.60 34.99 22.04
C LEU A 86 7.82 34.09 22.25
N GLU A 87 8.63 34.40 23.26
CA GLU A 87 9.70 33.48 23.69
C GLU A 87 9.11 32.19 24.31
N THR A 88 7.89 32.23 24.86
CA THR A 88 7.22 31.02 25.37
C THR A 88 6.72 30.11 24.24
N LEU A 89 6.30 30.69 23.11
CA LEU A 89 5.96 29.92 21.90
C LEU A 89 7.15 29.37 21.16
N HIS A 90 8.20 30.18 21.05
CA HIS A 90 9.48 29.75 20.46
C HIS A 90 10.05 28.47 21.16
N LYS A 91 9.99 28.41 22.51
CA LYS A 91 10.45 27.23 23.25
C LYS A 91 9.45 26.09 23.26
N TYR A 92 8.15 26.41 23.10
CA TYR A 92 7.10 25.41 22.94
C TYR A 92 7.30 24.61 21.64
N PHE A 93 7.42 25.33 20.53
CA PHE A 93 7.68 24.73 19.24
C PHE A 93 9.15 24.31 19.02
N GLN A 94 10.04 24.66 19.96
CA GLN A 94 11.45 24.26 19.90
C GLN A 94 12.12 24.75 18.63
N LEU A 95 11.80 25.98 18.22
CA LEU A 95 12.32 26.50 16.96
C LEU A 95 13.84 26.66 16.95
N ASP A 96 14.48 26.62 18.14
CA ASP A 96 15.94 26.53 18.27
C ASP A 96 16.55 25.43 17.38
N VAL A 97 15.84 24.29 17.24
CA VAL A 97 16.35 23.12 16.49
C VAL A 97 15.99 23.15 15.00
N SER A 98 17.00 22.95 14.13
CA SER A 98 16.78 22.85 12.68
C SER A 98 16.17 21.48 12.31
N LEU A 99 14.88 21.49 12.03
CA LEU A 99 14.18 20.30 11.53
C LEU A 99 14.69 19.87 10.15
N ALA A 100 15.01 20.84 9.30
CA ALA A 100 15.63 20.53 8.02
C ALA A 100 16.91 19.68 8.17
N GLN A 101 17.73 19.96 9.19
CA GLN A 101 18.96 19.17 9.46
C GLN A 101 18.70 17.80 10.09
N LEU A 102 17.47 17.55 10.48
CA LEU A 102 17.02 16.23 10.90
C LEU A 102 16.39 15.44 9.75
N TYR A 103 15.46 16.05 9.03
CA TYR A 103 14.93 15.46 7.79
C TYR A 103 16.01 15.12 6.73
N SER A 104 17.22 15.70 6.88
CA SER A 104 18.41 15.28 6.10
C SER A 104 19.07 14.03 6.66
N HIS A 105 19.40 14.07 7.94
CA HIS A 105 20.08 12.96 8.63
C HIS A 105 19.23 11.67 8.71
N TRP A 106 17.91 11.85 8.80
CA TRP A 106 16.98 10.72 8.80
C TRP A 106 16.84 10.19 7.36
N ALA A 107 16.69 11.06 6.37
CA ALA A 107 16.81 10.66 4.97
C ALA A 107 18.09 9.81 4.67
N SER A 108 19.25 10.36 4.98
CA SER A 108 20.53 9.69 4.67
C SER A 108 20.74 8.30 5.31
N VAL A 109 19.88 7.90 6.26
CA VAL A 109 19.94 6.55 6.86
C VAL A 109 18.66 5.68 6.64
N ASP A 110 17.59 6.29 6.14
CA ASP A 110 16.25 5.68 6.13
C ASP A 110 15.57 6.07 4.86
N SER A 111 15.64 5.15 3.88
CA SER A 111 14.96 5.32 2.61
C SER A 111 13.44 5.48 2.75
N HIS A 112 12.84 4.85 3.76
CA HIS A 112 11.37 4.91 3.95
C HIS A 112 10.96 6.29 4.43
N PHE A 113 11.80 6.91 5.26
CA PHE A 113 11.57 8.31 5.66
C PHE A 113 11.54 9.25 4.47
N GLN A 114 12.61 9.25 3.69
CA GLN A 114 12.78 10.11 2.49
C GLN A 114 11.54 10.10 1.57
N ARG A 115 10.89 8.94 1.44
CA ARG A 115 9.66 8.87 0.64
C ARG A 115 8.51 9.56 1.38
N VAL A 116 8.35 9.26 2.69
CA VAL A 116 7.21 9.78 3.48
C VAL A 116 7.33 11.28 3.73
N ALA A 117 8.56 11.68 4.04
CA ALA A 117 8.88 13.04 4.39
C ALA A 117 8.76 14.07 3.28
N GLN A 118 8.53 13.65 2.02
CA GLN A 118 8.22 14.61 0.94
C GLN A 118 6.90 15.32 1.26
N LYS A 119 5.90 14.54 1.69
CA LYS A 119 4.54 15.03 1.85
C LYS A 119 4.22 15.54 3.27
N PHE A 120 5.12 15.31 4.22
CA PHE A 120 4.86 15.56 5.63
C PHE A 120 6.01 16.36 6.23
N GLN A 121 6.17 17.56 5.68
CA GLN A 121 7.23 18.48 6.06
C GLN A 121 6.78 19.17 7.32
N GLY A 122 7.73 19.59 8.13
CA GLY A 122 7.44 20.47 9.25
C GLY A 122 6.67 19.81 10.38
N VAL A 123 6.94 18.52 10.62
CA VAL A 123 6.46 17.87 11.82
C VAL A 123 7.58 18.00 12.83
N ARG A 124 7.27 18.61 13.96
CA ARG A 124 8.20 18.71 15.04
C ARG A 124 7.50 18.42 16.33
N LEU A 125 8.32 18.23 17.35
CA LEU A 125 7.87 17.99 18.71
C LEU A 125 7.56 19.31 19.41
N LEU A 126 6.53 19.27 20.26
CA LEU A 126 6.24 20.32 21.19
C LEU A 126 6.99 20.03 22.52
N ARG A 127 7.42 21.09 23.21
CA ARG A 127 7.97 20.99 24.55
C ARG A 127 6.81 21.31 25.47
N GLN A 128 6.24 20.27 26.05
CA GLN A 128 5.04 20.44 26.84
C GLN A 128 5.37 20.58 28.30
N ASP A 129 4.38 21.03 29.06
CA ASP A 129 4.49 21.13 30.49
C ASP A 129 4.39 19.74 31.12
N PRO A 130 5.40 19.35 31.92
CA PRO A 130 5.48 18.00 32.50
C PRO A 130 4.22 17.54 33.21
N THR A 131 3.75 18.30 34.18
CA THR A 131 2.45 18.04 34.78
C THR A 131 1.34 17.78 33.74
N GLU A 132 1.15 18.71 32.80
CA GLU A 132 0.07 18.59 31.79
C GLU A 132 0.18 17.28 30.99
N CYS A 133 1.39 16.99 30.57
CA CYS A 133 1.63 15.88 29.69
C CYS A 133 1.42 14.59 30.43
N LEU A 134 2.09 14.45 31.59
CA LEU A 134 1.92 13.30 32.50
C LEU A 134 0.45 12.93 32.73
N PHE A 135 -0.38 13.87 33.18
CA PHE A 135 -1.82 13.56 33.46
C PHE A 135 -2.70 13.41 32.21
N SER A 136 -2.27 14.00 31.10
CA SER A 136 -3.02 13.86 29.84
C SER A 136 -2.92 12.41 29.36
N PHE A 137 -1.74 11.82 29.51
CA PHE A 137 -1.52 10.40 29.15
C PHE A 137 -1.96 9.32 30.15
N ILE A 138 -2.19 9.64 31.42
CA ILE A 138 -2.71 8.61 32.38
C ILE A 138 -4.24 8.70 32.58
N CYS A 139 -4.95 9.70 32.03
CA CYS A 139 -6.41 9.81 32.27
C CYS A 139 -7.26 8.89 31.40
N SER A 140 -6.67 8.36 30.33
CA SER A 140 -7.39 7.57 29.35
C SER A 140 -6.56 6.35 28.94
N SER A 141 -7.22 5.37 28.31
CA SER A 141 -6.58 4.28 27.54
C SER A 141 -5.42 4.72 26.63
N ASN A 142 -5.58 5.89 26.00
CA ASN A 142 -4.75 6.33 24.88
C ASN A 142 -5.10 5.49 23.63
N ASN A 143 -6.33 4.98 23.59
CA ASN A 143 -6.85 4.17 22.49
C ASN A 143 -6.74 4.96 21.18
N ASN A 144 -7.16 6.22 21.25
CA ASN A 144 -7.47 6.98 20.07
C ASN A 144 -7.47 8.48 20.44
N ILE A 145 -7.07 9.34 19.49
CA ILE A 145 -6.98 10.77 19.78
C ILE A 145 -8.29 11.37 20.37
N ALA A 146 -9.41 11.02 19.77
CA ALA A 146 -10.71 11.63 20.15
C ALA A 146 -11.08 11.34 21.61
N ARG A 147 -10.77 10.12 22.06
CA ARG A 147 -10.99 9.69 23.44
C ARG A 147 -10.17 10.58 24.39
N ILE A 148 -8.87 10.69 24.14
CA ILE A 148 -8.00 11.42 25.05
C ILE A 148 -8.36 12.90 25.04
N THR A 149 -8.67 13.42 23.85
CA THR A 149 -9.03 14.86 23.67
C THR A 149 -10.28 15.22 24.50
N GLY A 150 -11.30 14.38 24.43
CA GLY A 150 -12.50 14.52 25.27
C GLY A 150 -12.27 14.40 26.78
N MET A 151 -11.47 13.42 27.21
CA MET A 151 -11.11 13.24 28.64
C MET A 151 -10.29 14.39 29.19
N VAL A 152 -9.39 14.95 28.40
CA VAL A 152 -8.54 16.06 28.83
C VAL A 152 -9.40 17.32 28.97
N GLU A 153 -10.44 17.43 28.14
CA GLU A 153 -11.35 18.53 28.23
C GLU A 153 -12.26 18.43 29.42
N ARG A 154 -12.96 17.31 29.56
CA ARG A 154 -13.73 17.02 30.78
C ARG A 154 -12.87 17.25 32.06
N LEU A 155 -11.63 16.77 32.05
CA LEU A 155 -10.75 16.93 33.20
C LEU A 155 -10.46 18.41 33.50
N CYS A 156 -10.10 19.13 32.44
CA CYS A 156 -9.86 20.56 32.54
C CYS A 156 -11.12 21.37 32.94
N GLN A 157 -12.28 20.95 32.46
CA GLN A 157 -13.56 21.65 32.71
C GLN A 157 -13.97 21.62 34.18
N ALA A 158 -13.54 20.58 34.91
CA ALA A 158 -14.00 20.35 36.27
C ALA A 158 -12.94 20.57 37.36
N PHE A 159 -11.67 20.60 37.00
CA PHE A 159 -10.56 20.66 37.98
C PHE A 159 -9.60 21.86 37.81
N GLY A 160 -9.65 22.50 36.63
CA GLY A 160 -8.83 23.67 36.31
C GLY A 160 -9.67 24.93 36.24
N PRO A 161 -9.08 26.08 36.60
CA PRO A 161 -9.80 27.35 36.71
C PRO A 161 -10.34 27.86 35.37
N ARG A 162 -11.65 28.17 35.31
CA ARG A 162 -12.27 28.94 34.19
C ARG A 162 -11.37 30.16 33.81
N LEU A 163 -11.08 30.34 32.52
CA LEU A 163 -10.19 31.43 32.08
C LEU A 163 -10.86 32.53 31.27
N ILE A 164 -11.68 32.15 30.29
CA ILE A 164 -12.32 33.11 29.35
C ILE A 164 -13.40 32.39 28.54
N GLN A 165 -14.41 33.13 28.09
CA GLN A 165 -15.35 32.65 27.06
C GLN A 165 -14.91 33.20 25.71
N LEU A 166 -14.97 32.36 24.67
CA LEU A 166 -14.79 32.77 23.27
C LEU A 166 -15.84 32.07 22.45
N ASP A 167 -16.57 32.81 21.63
CA ASP A 167 -17.81 32.35 21.04
C ASP A 167 -18.54 31.49 22.10
N ASP A 168 -19.08 30.33 21.76
CA ASP A 168 -19.84 29.57 22.76
C ASP A 168 -18.97 28.56 23.57
N VAL A 169 -17.68 28.86 23.74
CA VAL A 169 -16.68 27.91 24.25
C VAL A 169 -15.90 28.50 25.41
N THR A 170 -15.91 27.83 26.56
CA THR A 170 -15.30 28.35 27.77
C THR A 170 -14.01 27.58 28.05
N TYR A 171 -12.91 28.29 28.19
CA TYR A 171 -11.60 27.69 28.31
C TYR A 171 -11.17 27.60 29.79
N HIS A 172 -10.97 26.39 30.29
CA HIS A 172 -10.31 26.23 31.59
C HIS A 172 -8.84 25.89 31.39
N GLY A 173 -8.00 26.25 32.36
CA GLY A 173 -6.57 25.90 32.34
C GLY A 173 -6.34 24.45 32.71
N PHE A 174 -5.09 23.98 32.66
CA PHE A 174 -4.83 22.58 33.05
C PHE A 174 -4.74 22.49 34.59
N PRO A 175 -5.46 21.48 35.21
CA PRO A 175 -5.51 21.38 36.70
C PRO A 175 -4.15 21.40 37.38
N ASN A 176 -4.08 22.05 38.55
CA ASN A 176 -2.89 22.01 39.39
C ASN A 176 -2.93 20.76 40.22
N LEU A 177 -1.72 20.36 40.62
CA LEU A 177 -1.51 19.12 41.36
C LEU A 177 -2.41 19.05 42.58
N HIS A 178 -2.63 20.18 43.26
CA HIS A 178 -3.51 20.24 44.47
C HIS A 178 -4.97 19.89 44.22
N ALA A 179 -5.46 20.16 43.02
CA ALA A 179 -6.88 19.90 42.73
C ALA A 179 -7.07 18.42 42.45
N LEU A 180 -6.00 17.84 41.92
CA LEU A 180 -5.95 16.45 41.54
C LEU A 180 -5.64 15.58 42.74
N ALA A 181 -4.87 16.10 43.68
CA ALA A 181 -4.40 15.35 44.84
C ALA A 181 -5.35 15.29 46.06
N GLY A 182 -6.46 16.02 46.02
CA GLY A 182 -7.34 16.15 47.19
C GLY A 182 -8.06 14.86 47.59
N PRO A 183 -8.62 14.81 48.81
CA PRO A 183 -9.31 13.61 49.27
C PRO A 183 -10.65 13.35 48.58
N GLU A 184 -11.13 14.31 47.79
CA GLU A 184 -12.34 14.18 46.98
C GLU A 184 -12.08 13.78 45.51
N ALA A 185 -10.87 14.08 45.01
CA ALA A 185 -10.49 13.94 43.59
C ALA A 185 -11.06 12.72 42.85
N GLU A 186 -10.77 11.50 43.33
CA GLU A 186 -11.24 10.25 42.69
C GLU A 186 -12.75 10.18 42.41
N THR A 187 -13.61 10.32 43.43
CA THR A 187 -15.08 10.22 43.27
C THR A 187 -15.62 11.21 42.23
N HIS A 188 -15.01 12.41 42.24
CA HIS A 188 -15.27 13.43 41.23
C HIS A 188 -14.78 12.98 39.84
N LEU A 189 -13.51 12.59 39.74
CA LEU A 189 -12.93 12.13 38.47
C LEU A 189 -13.71 11.00 37.82
N ARG A 190 -14.27 10.11 38.64
CA ARG A 190 -15.06 8.99 38.16
C ARG A 190 -16.40 9.40 37.55
N LYS A 191 -16.92 10.57 37.94
CA LYS A 191 -18.08 11.16 37.27
C LYS A 191 -17.76 11.37 35.81
N LEU A 192 -16.54 11.82 35.54
CA LEU A 192 -16.13 12.22 34.19
C LEU A 192 -15.92 11.02 33.25
N GLY A 193 -15.89 9.82 33.80
CA GLY A 193 -15.78 8.60 33.02
C GLY A 193 -14.41 7.95 33.00
N LEU A 194 -13.45 8.46 33.80
CA LEU A 194 -12.06 7.96 33.83
C LEU A 194 -11.95 6.51 34.33
N GLY A 195 -13.00 6.03 35.00
CA GLY A 195 -13.08 4.64 35.46
C GLY A 195 -12.13 4.44 36.62
N TYR A 196 -11.40 3.33 36.61
CA TYR A 196 -10.39 3.02 37.63
C TYR A 196 -9.16 3.97 37.61
N ARG A 197 -8.81 4.49 36.44
CA ARG A 197 -7.73 5.48 36.26
C ARG A 197 -7.91 6.78 37.09
N ALA A 198 -9.08 6.99 37.65
CA ALA A 198 -9.25 7.99 38.66
C ALA A 198 -8.40 7.68 39.89
N ARG A 199 -8.28 6.40 40.31
CA ARG A 199 -7.41 6.09 41.46
C ARG A 199 -6.03 6.61 41.12
N TYR A 200 -5.56 6.26 39.93
CA TYR A 200 -4.18 6.54 39.57
C TYR A 200 -3.87 8.02 39.41
N VAL A 201 -4.85 8.80 38.96
CA VAL A 201 -4.67 10.24 38.83
C VAL A 201 -4.42 10.89 40.21
N ARG A 202 -5.32 10.65 41.18
CA ARG A 202 -5.13 11.13 42.57
C ARG A 202 -3.76 10.74 43.10
N ALA A 203 -3.47 9.44 43.10
CA ALA A 203 -2.29 8.94 43.80
C ALA A 203 -0.97 9.47 43.23
N SER A 204 -0.92 9.73 41.94
CA SER A 204 0.31 10.30 41.40
C SER A 204 0.45 11.79 41.79
N ALA A 205 -0.68 12.48 41.92
CA ALA A 205 -0.67 13.90 42.32
C ALA A 205 -0.26 14.01 43.79
N LYS A 206 -0.94 13.24 44.65
CA LYS A 206 -0.52 12.99 46.03
C LYS A 206 0.95 12.68 46.16
N ALA A 207 1.46 11.78 45.32
CA ALA A 207 2.87 11.41 45.38
C ALA A 207 3.83 12.54 45.02
N ILE A 208 3.49 13.28 43.97
CA ILE A 208 4.39 14.36 43.49
C ILE A 208 4.47 15.49 44.50
N LEU A 209 3.33 15.90 45.05
CA LEU A 209 3.30 17.01 46.02
C LEU A 209 3.97 16.64 47.33
N GLU A 210 3.52 15.51 47.91
CA GLU A 210 3.84 15.05 49.28
C GLU A 210 5.04 14.08 49.44
N GLU A 211 5.66 13.64 48.33
CA GLU A 211 6.86 12.81 48.42
C GLU A 211 8.01 13.24 47.51
N GLN A 212 7.82 14.18 46.56
CA GLN A 212 8.95 14.60 45.69
C GLN A 212 9.29 16.11 45.61
N GLY A 213 8.53 16.96 46.27
CA GLY A 213 8.79 18.41 46.28
C GLY A 213 7.92 19.21 45.31
N GLY A 214 6.90 18.56 44.75
CA GLY A 214 6.05 19.12 43.70
C GLY A 214 6.72 19.22 42.36
N PRO A 215 6.22 20.10 41.48
CA PRO A 215 6.62 20.06 40.08
C PRO A 215 8.10 20.33 39.81
N ALA A 216 8.83 20.88 40.79
CA ALA A 216 10.30 21.00 40.64
C ALA A 216 10.96 19.61 40.47
N TRP A 217 10.34 18.58 41.05
CA TRP A 217 10.76 17.19 40.76
C TRP A 217 10.86 16.94 39.24
N LEU A 218 9.78 17.27 38.52
CA LEU A 218 9.71 16.98 37.07
C LEU A 218 10.70 17.81 36.27
N GLN A 219 10.87 19.06 36.69
CA GLN A 219 11.99 19.90 36.24
C GLN A 219 13.39 19.30 36.48
N GLN A 220 13.61 18.63 37.61
CA GLN A 220 14.88 17.90 37.84
C GLN A 220 15.05 16.73 36.84
N LEU A 221 13.96 16.01 36.55
CA LEU A 221 13.96 14.90 35.56
C LEU A 221 14.27 15.41 34.17
N ARG A 222 13.78 16.61 33.86
CA ARG A 222 14.09 17.31 32.60
C ARG A 222 15.59 17.61 32.51
N VAL A 223 16.18 17.89 33.66
CA VAL A 223 17.63 18.08 33.80
C VAL A 223 18.40 16.74 33.71
N ALA A 224 17.86 15.69 34.35
CA ALA A 224 18.46 14.36 34.38
C ALA A 224 18.63 13.71 32.98
N PRO A 225 19.48 12.66 32.87
CA PRO A 225 19.54 11.88 31.63
C PRO A 225 18.35 10.91 31.49
N TYR A 226 18.10 10.49 30.24
CA TYR A 226 16.89 9.72 29.87
C TYR A 226 16.55 8.59 30.86
N GLU A 227 17.50 7.68 31.05
CA GLU A 227 17.29 6.47 31.86
C GLU A 227 16.78 6.75 33.27
N GLU A 228 17.30 7.79 33.92
CA GLU A 228 16.90 8.10 35.29
C GLU A 228 15.43 8.55 35.38
N ALA A 229 15.05 9.42 34.43
CA ALA A 229 13.73 10.05 34.44
C ALA A 229 12.63 9.03 34.08
N HIS A 230 12.89 8.26 33.03
CA HIS A 230 12.08 7.10 32.72
C HIS A 230 11.79 6.28 33.97
N LYS A 231 12.85 5.81 34.62
CA LYS A 231 12.75 4.89 35.79
C LYS A 231 11.91 5.52 36.92
N ALA A 232 12.25 6.78 37.18
CA ALA A 232 11.54 7.61 38.17
C ALA A 232 10.07 7.81 37.82
N LEU A 233 9.80 8.10 36.54
CA LEU A 233 8.39 8.15 36.05
C LEU A 233 7.58 6.84 36.25
N CYS A 234 8.22 5.66 36.06
CA CYS A 234 7.51 4.37 36.29
C CYS A 234 7.21 4.01 37.75
N THR A 235 7.82 4.72 38.73
CA THR A 235 7.45 4.52 40.16
C THR A 235 6.05 5.08 40.45
N LEU A 236 5.56 5.94 39.56
CA LEU A 236 4.25 6.56 39.75
C LEU A 236 3.12 5.62 39.36
N PRO A 237 2.07 5.60 40.17
CA PRO A 237 0.93 4.78 39.82
C PRO A 237 0.32 5.23 38.51
N GLY A 238 -0.26 4.26 37.81
CA GLY A 238 -0.80 4.46 36.49
C GLY A 238 0.20 4.64 35.35
N VAL A 239 1.48 4.74 35.65
CA VAL A 239 2.51 4.97 34.62
C VAL A 239 3.28 3.69 34.44
N GLY A 240 3.35 3.29 33.16
CA GLY A 240 4.09 2.15 32.66
C GLY A 240 5.09 2.67 31.64
N ALA A 241 5.67 1.74 30.86
CA ALA A 241 6.80 2.06 29.95
C ALA A 241 6.49 3.04 28.81
N LYS A 242 5.33 2.89 28.17
CA LYS A 242 4.90 3.75 27.04
C LYS A 242 4.64 5.23 27.44
N VAL A 243 3.87 5.43 28.51
CA VAL A 243 3.54 6.75 29.03
C VAL A 243 4.83 7.48 29.44
N ALA A 244 5.70 6.78 30.17
CA ALA A 244 6.98 7.37 30.61
C ALA A 244 7.84 7.88 29.43
N ASP A 245 7.94 7.09 28.37
CA ASP A 245 8.67 7.55 27.15
C ASP A 245 7.99 8.74 26.44
N CYS A 246 6.65 8.77 26.49
CA CYS A 246 5.86 9.90 25.98
C CYS A 246 6.31 11.20 26.68
N ILE A 247 6.23 11.17 27.99
CA ILE A 247 6.60 12.27 28.85
C ILE A 247 8.07 12.63 28.61
N CYS A 248 8.94 11.62 28.56
CA CYS A 248 10.39 11.87 28.36
C CYS A 248 10.67 12.59 27.04
N LEU A 249 10.03 12.10 25.99
CA LEU A 249 10.08 12.67 24.65
C LEU A 249 9.50 14.07 24.52
N MET A 250 8.32 14.25 25.11
CA MET A 250 7.45 15.35 24.77
C MET A 250 7.56 16.50 25.74
N ALA A 251 7.94 16.22 26.99
CA ALA A 251 8.05 17.23 28.02
C ALA A 251 9.43 17.29 28.69
N LEU A 252 10.18 16.18 28.78
CA LEU A 252 11.43 16.18 29.56
C LEU A 252 12.67 16.19 28.71
N ASP A 253 12.59 16.73 27.50
CA ASP A 253 13.77 17.00 26.70
C ASP A 253 14.66 15.77 26.53
N LYS A 254 14.05 14.65 26.18
CA LYS A 254 14.74 13.39 25.88
C LYS A 254 14.37 13.06 24.46
N PRO A 255 15.03 13.67 23.47
CA PRO A 255 14.63 13.35 22.09
C PRO A 255 14.79 11.89 21.65
N GLN A 256 15.56 11.12 22.41
CA GLN A 256 15.93 9.76 22.05
C GLN A 256 14.88 8.74 22.47
N ALA A 257 13.91 9.18 23.27
CA ALA A 257 12.79 8.35 23.67
C ALA A 257 11.97 7.97 22.43
N VAL A 258 11.50 6.72 22.39
CA VAL A 258 10.71 6.18 21.28
C VAL A 258 9.57 5.43 21.97
N PRO A 259 8.45 6.13 22.25
CA PRO A 259 7.35 5.39 22.91
C PRO A 259 6.81 4.28 21.99
N VAL A 260 6.80 3.05 22.50
CA VAL A 260 6.39 1.86 21.75
C VAL A 260 4.99 1.41 22.12
N ASP A 261 4.13 1.40 21.12
CA ASP A 261 2.77 0.88 21.24
C ASP A 261 2.38 0.23 19.90
N VAL A 262 1.12 -0.18 19.74
CA VAL A 262 0.72 -1.05 18.63
C VAL A 262 0.85 -0.43 17.24
N HIS A 263 0.88 0.90 17.17
CA HIS A 263 1.09 1.63 15.91
C HIS A 263 2.54 1.66 15.56
N VAL A 264 3.41 1.73 16.58
CA VAL A 264 4.85 1.66 16.33
C VAL A 264 5.10 0.26 15.72
N TRP A 265 4.71 -0.79 16.44
CA TRP A 265 4.73 -2.17 15.91
C TRP A 265 4.27 -2.32 14.47
N GLN A 266 3.12 -1.75 14.17
CA GLN A 266 2.54 -1.85 12.84
C GLN A 266 3.44 -1.17 11.78
N ILE A 267 3.93 0.03 12.10
CA ILE A 267 4.87 0.74 11.24
C ILE A 267 6.19 -0.06 11.08
N ALA A 268 6.77 -0.47 12.21
CA ALA A 268 8.04 -1.20 12.21
C ALA A 268 7.94 -2.39 11.26
N HIS A 269 6.88 -3.15 11.42
CA HIS A 269 6.73 -4.42 10.71
C HIS A 269 6.43 -4.26 9.22
N ARG A 270 5.44 -3.45 8.88
CA ARG A 270 4.96 -3.31 7.50
C ARG A 270 6.01 -2.60 6.69
N ASP A 271 6.51 -1.52 7.26
CA ASP A 271 7.35 -0.57 6.52
C ASP A 271 8.86 -0.82 6.62
N TYR A 272 9.32 -1.46 7.69
CA TYR A 272 10.75 -1.71 7.91
C TYR A 272 11.15 -3.20 7.91
N GLY A 273 10.18 -4.12 7.96
CA GLY A 273 10.45 -5.55 7.96
C GLY A 273 10.83 -6.07 9.31
N TRP A 274 10.46 -5.37 10.36
CA TRP A 274 10.96 -5.71 11.68
C TRP A 274 10.21 -6.81 12.41
N HIS A 275 10.95 -7.67 13.08
CA HIS A 275 10.39 -8.64 14.02
C HIS A 275 11.29 -8.77 15.24
N PRO A 276 10.69 -9.09 16.41
CA PRO A 276 11.51 -9.40 17.60
C PRO A 276 12.58 -10.45 17.32
N LYS A 277 13.86 -10.06 17.48
CA LYS A 277 15.00 -10.98 17.42
C LYS A 277 15.00 -12.00 18.57
N THR A 278 14.35 -11.67 19.70
CA THR A 278 14.15 -12.63 20.81
C THR A 278 13.54 -13.97 20.34
N SER A 279 12.67 -13.92 19.32
CA SER A 279 11.96 -15.10 18.79
C SER A 279 11.16 -15.81 19.90
N GLN A 280 10.53 -15.01 20.78
CA GLN A 280 9.88 -15.49 22.00
C GLN A 280 8.39 -15.76 21.76
N PRO A 284 4.04 -8.79 20.72
CA PRO A 284 4.31 -7.60 21.54
C PRO A 284 4.42 -7.92 23.03
N SER A 285 5.56 -7.54 23.64
CA SER A 285 5.87 -7.78 25.07
C SER A 285 6.74 -6.66 25.64
N PRO A 286 6.80 -6.53 26.99
CA PRO A 286 7.75 -5.59 27.63
C PRO A 286 9.16 -5.74 27.06
N LEU A 287 9.62 -6.99 26.93
CA LEU A 287 10.93 -7.30 26.37
C LEU A 287 11.07 -6.81 24.94
N ALA A 288 10.19 -7.23 24.06
CA ALA A 288 10.30 -6.90 22.61
C ALA A 288 10.14 -5.40 22.28
N ASN A 289 9.25 -4.74 23.01
CA ASN A 289 9.03 -3.30 22.89
C ASN A 289 10.29 -2.52 23.22
N LYS A 290 10.92 -2.83 24.34
CA LYS A 290 12.24 -2.24 24.68
C LYS A 290 13.20 -2.42 23.51
N GLU A 291 13.16 -3.60 22.88
CA GLU A 291 13.99 -3.94 21.73
C GLU A 291 13.68 -3.09 20.50
N LEU A 292 12.40 -2.93 20.17
CA LEU A 292 11.96 -2.04 19.07
C LEU A 292 12.38 -0.56 19.21
N GLY A 293 12.32 -0.02 20.42
CA GLY A 293 12.79 1.33 20.70
C GLY A 293 14.30 1.47 20.60
N ASN A 294 15.03 0.41 21.00
CA ASN A 294 16.48 0.32 20.73
C ASN A 294 16.71 0.30 19.23
N PHE A 295 15.96 -0.56 18.55
CA PHE A 295 15.99 -0.64 17.08
C PHE A 295 15.90 0.75 16.43
N PHE A 296 14.96 1.58 16.87
CA PHE A 296 14.72 2.89 16.20
C PHE A 296 15.74 3.97 16.55
N ARG A 297 16.07 4.10 17.84
CA ARG A 297 17.22 4.93 18.28
C ARG A 297 18.48 4.73 17.44
N ASN A 298 18.82 3.45 17.20
CA ASN A 298 20.03 3.05 16.44
C ASN A 298 19.95 3.26 14.93
N LEU A 299 18.75 3.31 14.34
CA LEU A 299 18.59 3.73 12.93
C LEU A 299 18.59 5.25 12.77
N TRP A 300 17.93 5.93 13.70
CA TRP A 300 17.62 7.36 13.50
C TRP A 300 18.50 8.35 14.25
N GLY A 301 19.03 7.93 15.40
CA GLY A 301 20.01 8.72 16.09
C GLY A 301 19.46 9.30 17.38
N PRO A 302 19.98 10.47 17.81
CA PRO A 302 19.62 10.99 19.13
C PRO A 302 18.22 11.64 19.17
N TYR A 303 17.71 12.09 18.02
CA TYR A 303 16.35 12.65 17.90
C TYR A 303 15.29 11.63 17.40
N ALA A 304 15.40 10.37 17.83
CA ALA A 304 14.57 9.26 17.31
C ALA A 304 13.03 9.44 17.47
N GLY A 305 12.60 9.88 18.65
CA GLY A 305 11.20 10.23 18.90
C GLY A 305 10.62 11.22 17.91
N TRP A 306 11.42 12.23 17.56
CA TRP A 306 11.02 13.25 16.64
C TRP A 306 10.83 12.64 15.26
N ALA A 307 11.61 11.60 15.01
CA ALA A 307 11.44 10.85 13.78
C ALA A 307 10.13 10.02 13.79
N GLN A 308 9.82 9.40 14.93
CA GLN A 308 8.52 8.75 15.17
C GLN A 308 7.39 9.75 14.86
N ALA A 309 7.50 10.95 15.42
CA ALA A 309 6.47 11.99 15.26
C ALA A 309 6.05 12.19 13.82
N VAL A 310 7.02 12.20 12.91
CA VAL A 310 6.70 12.36 11.49
C VAL A 310 5.87 11.21 10.98
N LEU A 311 6.25 9.99 11.37
CA LEU A 311 5.64 8.78 10.81
C LEU A 311 4.25 8.56 11.38
N PHE A 312 4.04 9.01 12.62
CA PHE A 312 2.73 9.14 13.24
C PHE A 312 1.82 10.14 12.54
N SER A 313 2.35 11.31 12.19
CA SER A 313 1.56 12.28 11.37
C SER A 313 1.19 11.66 10.06
N ALA A 314 2.16 10.98 9.43
CA ALA A 314 1.94 10.34 8.13
C ALA A 314 0.92 9.21 8.21
N ASP A 315 0.92 8.46 9.33
CA ASP A 315 -0.03 7.34 9.53
C ASP A 315 -1.51 7.77 9.80
N LEU A 316 -1.72 8.94 10.42
CA LEU A 316 -3.06 9.56 10.55
C LEU A 316 -3.53 10.30 9.28
N ARG A 317 -2.58 10.77 8.45
CA ARG A 317 -2.82 11.56 7.21
C ARG A 317 -3.46 12.95 7.45
N HIS B 3 -35.29 -12.14 -30.10
CA HIS B 3 -36.27 -11.10 -30.49
C HIS B 3 -36.21 -9.92 -29.52
N MET B 4 -36.78 -10.11 -28.33
CA MET B 4 -37.03 -9.05 -27.36
C MET B 4 -35.77 -8.34 -26.89
N ARG B 5 -35.90 -7.07 -26.51
CA ARG B 5 -34.76 -6.21 -26.11
C ARG B 5 -34.47 -6.19 -24.60
N HIS B 6 -33.20 -5.87 -24.28
CA HIS B 6 -32.74 -5.57 -22.90
C HIS B 6 -33.25 -4.19 -22.51
N ARG B 7 -33.97 -4.13 -21.39
CA ARG B 7 -34.63 -2.92 -20.95
C ARG B 7 -33.65 -1.92 -20.31
N THR B 8 -33.99 -0.63 -20.42
CA THR B 8 -33.45 0.45 -19.57
C THR B 8 -34.65 1.15 -18.91
N LEU B 9 -34.36 1.93 -17.88
CA LEU B 9 -35.39 2.58 -17.03
C LEU B 9 -36.24 3.65 -17.75
N SER B 10 -35.64 4.32 -18.74
CA SER B 10 -36.29 5.38 -19.51
C SER B 10 -37.06 4.82 -20.70
N SER B 11 -36.53 3.76 -21.33
CA SER B 11 -37.13 3.22 -22.57
C SER B 11 -38.34 2.29 -22.35
N SER B 12 -38.63 1.90 -21.10
CA SER B 12 -39.89 1.20 -20.78
C SER B 12 -40.31 1.39 -19.30
N PRO B 13 -40.34 2.66 -18.83
CA PRO B 13 -40.47 2.96 -17.40
C PRO B 13 -41.76 2.47 -16.71
N ALA B 14 -42.81 2.13 -17.48
CA ALA B 14 -43.96 1.44 -16.90
C ALA B 14 -43.42 0.19 -16.24
N LEU B 15 -42.71 -0.59 -17.05
CA LEU B 15 -42.29 -1.95 -16.71
C LEU B 15 -41.34 -2.11 -15.50
N TRP B 16 -40.72 -1.03 -15.02
CA TRP B 16 -39.82 -1.13 -13.87
C TRP B 16 -40.63 -0.92 -12.58
N ALA B 17 -40.43 -1.79 -11.57
CA ALA B 17 -40.84 -1.54 -10.18
C ALA B 17 -39.62 -1.03 -9.37
N SER B 18 -39.86 -0.39 -8.21
CA SER B 18 -38.75 0.08 -7.33
C SER B 18 -39.00 -0.09 -5.81
N ILE B 19 -37.89 -0.18 -5.09
CA ILE B 19 -37.85 -0.52 -3.68
C ILE B 19 -36.89 0.49 -2.98
N PRO B 20 -37.42 1.33 -2.03
CA PRO B 20 -36.53 2.18 -1.23
C PRO B 20 -35.37 1.40 -0.61
N CYS B 21 -34.16 1.78 -0.99
CA CYS B 21 -32.91 1.16 -0.53
C CYS B 21 -31.80 2.17 -0.77
N PRO B 22 -31.31 2.83 0.32
CA PRO B 22 -30.32 3.88 0.08
C PRO B 22 -29.03 3.25 -0.48
N ARG B 23 -28.40 3.92 -1.45
CA ARG B 23 -27.22 3.39 -2.15
C ARG B 23 -26.04 3.07 -1.19
N SER B 24 -25.96 3.76 -0.04
CA SER B 24 -25.06 3.38 1.06
C SER B 24 -25.38 2.03 1.77
N GLU B 25 -26.56 1.47 1.54
CA GLU B 25 -26.92 0.13 2.05
C GLU B 25 -26.72 -1.03 1.00
N LEU B 26 -26.26 -0.71 -0.21
CA LEU B 26 -26.09 -1.67 -1.31
C LEU B 26 -25.59 -0.95 -2.56
N ARG B 27 -24.41 -1.27 -3.03
CA ARG B 27 -23.91 -0.71 -4.29
C ARG B 27 -23.78 -1.83 -5.31
N LEU B 28 -24.92 -2.23 -5.87
CA LEU B 28 -24.98 -3.22 -6.96
C LEU B 28 -23.65 -3.46 -7.71
N ASP B 29 -23.01 -2.37 -8.14
CA ASP B 29 -21.76 -2.46 -8.90
C ASP B 29 -20.47 -2.88 -8.13
N LEU B 30 -20.57 -2.95 -6.80
CA LEU B 30 -19.51 -3.56 -5.96
C LEU B 30 -19.90 -4.95 -5.42
N VAL B 31 -21.15 -5.35 -5.65
CA VAL B 31 -21.70 -6.58 -5.14
C VAL B 31 -21.88 -7.60 -6.28
N LEU B 32 -22.40 -7.20 -7.45
CA LEU B 32 -22.90 -8.19 -8.42
C LEU B 32 -21.84 -8.84 -9.31
N ALA B 33 -20.78 -8.10 -9.66
CA ALA B 33 -19.64 -8.67 -10.41
C ALA B 33 -18.35 -8.59 -9.61
N SER B 34 -18.47 -8.82 -8.30
CA SER B 34 -17.34 -8.73 -7.39
C SER B 34 -16.84 -10.08 -6.82
N GLY B 35 -17.18 -11.22 -7.42
CA GLY B 35 -16.75 -12.52 -6.89
C GLY B 35 -17.70 -13.28 -5.99
N GLN B 36 -18.96 -12.90 -5.94
CA GLN B 36 -19.92 -13.67 -5.14
C GLN B 36 -20.71 -14.57 -6.04
N SER B 37 -21.41 -13.93 -6.97
CA SER B 37 -22.17 -14.61 -8.01
C SER B 37 -21.48 -14.26 -9.30
N PHE B 38 -21.53 -15.18 -10.24
CA PHE B 38 -20.89 -15.01 -11.51
C PHE B 38 -21.88 -14.84 -12.62
N ARG B 39 -23.17 -14.78 -12.29
CA ARG B 39 -24.23 -14.72 -13.30
C ARG B 39 -24.90 -13.34 -13.54
N TRP B 40 -24.26 -12.22 -13.14
CA TRP B 40 -24.79 -10.84 -13.34
C TRP B 40 -23.93 -10.07 -14.32
N LYS B 41 -24.54 -9.39 -15.28
CA LYS B 41 -23.77 -8.60 -16.26
C LYS B 41 -24.39 -7.22 -16.50
N GLU B 42 -23.53 -6.26 -16.84
CA GLU B 42 -23.88 -4.85 -17.07
C GLU B 42 -24.10 -4.65 -18.58
N GLN B 43 -25.22 -5.15 -19.10
CA GLN B 43 -25.47 -5.23 -20.56
C GLN B 43 -25.77 -3.88 -21.23
N SER B 44 -26.08 -2.85 -20.44
CA SER B 44 -26.24 -1.48 -20.95
C SER B 44 -26.10 -0.47 -19.80
N PRO B 45 -25.09 0.43 -19.88
CA PRO B 45 -24.61 1.31 -18.80
C PRO B 45 -25.51 1.50 -17.55
N ALA B 46 -24.97 1.08 -16.40
CA ALA B 46 -25.66 1.13 -15.09
C ALA B 46 -26.85 0.18 -14.94
N HIS B 47 -27.02 -0.80 -15.84
CA HIS B 47 -28.11 -1.80 -15.74
C HIS B 47 -27.57 -3.24 -15.68
N TRP B 48 -28.00 -4.00 -14.66
CA TRP B 48 -27.43 -5.30 -14.29
C TRP B 48 -28.39 -6.47 -14.58
N SER B 49 -28.07 -7.26 -15.61
CA SER B 49 -28.99 -8.30 -16.04
C SER B 49 -28.46 -9.69 -15.62
N GLY B 50 -29.30 -10.50 -15.00
CA GLY B 50 -28.87 -11.81 -14.53
C GLY B 50 -30.03 -12.69 -14.16
N VAL B 51 -29.74 -13.96 -13.90
CA VAL B 51 -30.74 -14.98 -13.66
C VAL B 51 -30.81 -15.34 -12.18
N LEU B 52 -32.02 -15.63 -11.74
CA LEU B 52 -32.27 -16.14 -10.43
C LEU B 52 -33.44 -17.12 -10.47
N ALA B 53 -33.29 -18.26 -9.80
CA ALA B 53 -34.27 -19.37 -9.76
C ALA B 53 -35.17 -19.48 -10.98
N ASP B 54 -34.57 -19.88 -12.08
CA ASP B 54 -35.28 -20.12 -13.33
C ASP B 54 -36.11 -18.94 -13.84
N GLN B 55 -35.64 -17.71 -13.61
CA GLN B 55 -36.21 -16.48 -14.20
C GLN B 55 -35.10 -15.41 -14.31
N VAL B 56 -35.28 -14.41 -15.14
CA VAL B 56 -34.25 -13.40 -15.41
C VAL B 56 -34.63 -12.08 -14.71
N TRP B 57 -33.69 -11.12 -14.64
CA TRP B 57 -33.92 -9.74 -14.16
C TRP B 57 -33.00 -8.74 -14.85
N THR B 58 -33.34 -7.45 -14.74
CA THR B 58 -32.36 -6.38 -15.01
C THR B 58 -32.53 -5.27 -13.97
N LEU B 59 -31.43 -4.84 -13.35
CA LEU B 59 -31.47 -3.95 -12.15
C LEU B 59 -30.59 -2.71 -12.32
N THR B 60 -30.94 -1.64 -11.59
CA THR B 60 -30.16 -0.38 -11.56
C THR B 60 -30.53 0.47 -10.32
N GLN B 61 -29.80 1.56 -10.11
CA GLN B 61 -29.92 2.35 -8.87
C GLN B 61 -29.83 3.85 -9.08
N THR B 62 -30.58 4.59 -8.28
CA THR B 62 -30.32 6.02 -8.02
C THR B 62 -29.57 6.07 -6.67
N GLU B 63 -29.43 7.26 -6.09
CA GLU B 63 -28.91 7.41 -4.73
C GLU B 63 -29.85 6.89 -3.63
N ASP B 64 -31.15 6.85 -3.91
CA ASP B 64 -32.12 6.47 -2.89
C ASP B 64 -32.85 5.17 -3.21
N GLN B 65 -32.72 4.66 -4.44
CA GLN B 65 -33.66 3.65 -4.97
C GLN B 65 -33.02 2.44 -5.69
N LEU B 66 -33.59 1.24 -5.44
CA LEU B 66 -33.23 -0.03 -6.12
C LEU B 66 -34.15 -0.35 -7.30
N TYR B 67 -33.79 0.08 -8.51
CA TYR B 67 -34.67 -0.09 -9.69
C TYR B 67 -34.54 -1.51 -10.27
N CYS B 68 -35.69 -2.12 -10.58
N CYS B 68 -35.66 -2.04 -10.76
CA CYS B 68 -35.78 -3.52 -11.02
CA CYS B 68 -35.81 -3.47 -10.96
C CYS B 68 -36.77 -3.69 -12.14
C CYS B 68 -36.88 -3.78 -12.02
N THR B 69 -36.64 -4.84 -12.82
CA THR B 69 -37.52 -5.25 -13.93
C THR B 69 -37.31 -6.74 -14.22
N VAL B 70 -38.40 -7.48 -14.52
CA VAL B 70 -38.38 -8.99 -14.63
C VAL B 70 -38.83 -9.50 -16.00
N TYR B 71 -38.38 -10.73 -16.34
CA TYR B 71 -38.76 -11.46 -17.56
C TYR B 71 -38.99 -12.96 -17.24
N ARG B 72 -40.22 -13.49 -17.37
CA ARG B 72 -40.53 -14.90 -16.97
C ARG B 72 -40.50 -15.93 -18.12
N GLY B 73 -40.65 -15.45 -19.35
CA GLY B 73 -40.26 -16.20 -20.56
C GLY B 73 -41.20 -17.26 -21.13
N ASP B 74 -41.85 -18.03 -20.26
CA ASP B 74 -42.69 -19.17 -20.68
C ASP B 74 -43.86 -18.82 -21.63
N ASP B 75 -44.63 -17.79 -21.28
CA ASP B 75 -45.92 -17.52 -21.91
C ASP B 75 -46.45 -16.15 -21.43
N SER B 76 -46.66 -16.04 -20.11
CA SER B 76 -47.30 -14.90 -19.41
C SER B 76 -47.04 -13.51 -20.02
N GLN B 77 -48.05 -12.66 -20.01
CA GLN B 77 -47.96 -11.31 -20.60
C GLN B 77 -46.94 -10.43 -19.84
N VAL B 78 -46.28 -9.56 -20.61
CA VAL B 78 -45.20 -8.73 -20.11
C VAL B 78 -45.78 -7.63 -19.16
N SER B 79 -45.35 -7.66 -17.89
CA SER B 79 -45.77 -6.72 -16.82
C SER B 79 -44.54 -6.27 -15.98
N ARG B 80 -44.73 -5.35 -15.04
CA ARG B 80 -43.67 -5.04 -14.03
C ARG B 80 -43.54 -6.20 -12.98
N PRO B 81 -42.41 -6.25 -12.23
CA PRO B 81 -42.18 -7.37 -11.29
C PRO B 81 -43.29 -7.47 -10.25
N THR B 82 -43.71 -8.68 -9.88
CA THR B 82 -44.70 -8.79 -8.83
C THR B 82 -44.12 -8.52 -7.44
N LEU B 83 -45.00 -8.40 -6.43
CA LEU B 83 -44.61 -8.34 -5.00
C LEU B 83 -43.83 -9.59 -4.62
N GLU B 84 -44.36 -10.77 -4.98
CA GLU B 84 -43.73 -12.06 -4.66
C GLU B 84 -42.31 -12.15 -5.28
N GLU B 85 -42.21 -11.65 -6.50
CA GLU B 85 -40.94 -11.53 -7.21
C GLU B 85 -40.03 -10.38 -6.65
N LEU B 86 -40.66 -9.26 -6.23
CA LEU B 86 -39.99 -8.17 -5.44
C LEU B 86 -39.51 -8.63 -4.07
N GLU B 87 -40.25 -9.59 -3.46
CA GLU B 87 -39.87 -10.27 -2.21
C GLU B 87 -38.57 -10.97 -2.34
N THR B 88 -38.44 -11.79 -3.38
CA THR B 88 -37.33 -12.73 -3.51
C THR B 88 -36.03 -12.00 -3.75
N LEU B 89 -36.10 -10.88 -4.48
CA LEU B 89 -35.01 -9.91 -4.61
C LEU B 89 -34.48 -9.47 -3.26
N HIS B 90 -35.43 -9.15 -2.37
CA HIS B 90 -35.18 -8.71 -0.97
C HIS B 90 -34.56 -9.80 -0.03
N LYS B 91 -34.89 -11.09 -0.22
CA LYS B 91 -34.31 -12.20 0.62
C LYS B 91 -32.87 -12.56 0.17
N TYR B 92 -32.61 -12.46 -1.14
CA TYR B 92 -31.32 -12.71 -1.81
C TYR B 92 -30.31 -11.64 -1.38
N PHE B 93 -30.74 -10.39 -1.46
CA PHE B 93 -29.92 -9.25 -1.11
C PHE B 93 -29.84 -9.02 0.40
N GLN B 94 -30.48 -9.86 1.21
CA GLN B 94 -30.32 -9.84 2.65
C GLN B 94 -30.48 -8.42 3.27
N LEU B 95 -31.51 -7.68 2.83
CA LEU B 95 -31.63 -6.23 3.14
C LEU B 95 -32.26 -5.88 4.52
N ASP B 96 -32.93 -6.84 5.14
CA ASP B 96 -33.32 -6.72 6.54
C ASP B 96 -32.10 -6.52 7.47
N VAL B 97 -31.00 -7.20 7.14
CA VAL B 97 -29.76 -7.17 7.92
C VAL B 97 -29.12 -5.81 7.75
N SER B 98 -28.75 -5.19 8.87
CA SER B 98 -28.35 -3.79 8.84
C SER B 98 -26.85 -3.61 8.63
N LEU B 99 -26.53 -2.99 7.50
CA LEU B 99 -25.16 -2.72 7.08
C LEU B 99 -24.59 -1.39 7.63
N ALA B 100 -25.47 -0.55 8.18
CA ALA B 100 -25.01 0.57 9.00
C ALA B 100 -24.35 0.03 10.26
N GLN B 101 -25.02 -0.92 10.94
CA GLN B 101 -24.60 -1.44 12.24
C GLN B 101 -23.36 -2.32 12.18
N LEU B 102 -23.21 -3.04 11.08
CA LEU B 102 -22.04 -3.90 10.90
C LEU B 102 -20.82 -3.07 10.61
N TYR B 103 -20.93 -2.15 9.68
CA TYR B 103 -19.82 -1.28 9.34
C TYR B 103 -19.29 -0.47 10.54
N SER B 104 -20.21 0.10 11.30
CA SER B 104 -19.89 0.83 12.53
C SER B 104 -19.06 -0.04 13.45
N HIS B 105 -19.63 -1.19 13.78
CA HIS B 105 -19.03 -2.17 14.67
C HIS B 105 -17.64 -2.66 14.24
N TRP B 106 -17.41 -2.75 12.93
CA TRP B 106 -16.15 -3.28 12.40
C TRP B 106 -15.09 -2.19 12.49
N ALA B 107 -15.42 -0.98 12.03
CA ALA B 107 -14.60 0.22 12.24
C ALA B 107 -14.18 0.51 13.69
N SER B 108 -15.05 0.21 14.64
CA SER B 108 -14.79 0.52 16.04
C SER B 108 -13.85 -0.49 16.71
N VAL B 109 -13.61 -1.64 16.07
CA VAL B 109 -12.75 -2.71 16.64
C VAL B 109 -11.51 -3.00 15.80
N ASP B 110 -11.28 -2.20 14.77
CA ASP B 110 -10.26 -2.46 13.75
C ASP B 110 -10.17 -1.17 12.97
N SER B 111 -9.11 -0.40 13.27
CA SER B 111 -8.78 0.90 12.65
C SER B 111 -8.43 0.80 11.19
N HIS B 112 -7.93 -0.36 10.76
CA HIS B 112 -7.55 -0.51 9.34
C HIS B 112 -8.79 -0.49 8.46
N PHE B 113 -9.80 -1.30 8.85
CA PHE B 113 -11.14 -1.29 8.27
C PHE B 113 -11.69 0.14 8.20
N GLN B 114 -11.81 0.84 9.34
CA GLN B 114 -12.33 2.23 9.31
C GLN B 114 -11.73 3.06 8.15
N ARG B 115 -10.40 3.11 8.08
CA ARG B 115 -9.69 3.89 7.06
C ARG B 115 -10.11 3.47 5.63
N VAL B 116 -10.00 2.17 5.37
CA VAL B 116 -10.35 1.58 4.07
C VAL B 116 -11.86 1.64 3.73
N ALA B 117 -12.71 1.27 4.67
CA ALA B 117 -14.16 1.18 4.45
C ALA B 117 -14.82 2.43 3.86
N GLN B 118 -14.49 3.61 4.40
CA GLN B 118 -15.06 4.92 3.98
C GLN B 118 -15.35 5.05 2.47
N LYS B 119 -14.42 4.55 1.64
CA LYS B 119 -14.58 4.58 0.17
C LYS B 119 -15.56 3.55 -0.43
N PHE B 120 -15.91 2.53 0.35
CA PHE B 120 -16.63 1.38 -0.16
C PHE B 120 -17.83 1.04 0.73
N GLN B 121 -18.84 1.89 0.68
CA GLN B 121 -20.08 1.64 1.40
C GLN B 121 -20.82 0.52 0.70
N GLY B 122 -21.69 -0.19 1.42
CA GLY B 122 -22.68 -1.03 0.74
C GLY B 122 -22.24 -2.33 0.07
N VAL B 123 -21.09 -2.87 0.47
CA VAL B 123 -20.73 -4.24 0.10
C VAL B 123 -21.42 -5.12 1.07
N ARG B 124 -22.32 -5.94 0.55
CA ARG B 124 -23.03 -6.96 1.32
C ARG B 124 -22.92 -8.33 0.64
N LEU B 125 -23.39 -9.34 1.34
CA LEU B 125 -23.34 -10.68 0.84
C LEU B 125 -24.66 -11.03 0.21
N LEU B 126 -24.61 -11.67 -0.94
CA LEU B 126 -25.78 -12.26 -1.49
C LEU B 126 -26.06 -13.53 -0.72
N ARG B 127 -27.33 -13.90 -0.63
CA ARG B 127 -27.74 -15.22 -0.12
C ARG B 127 -28.09 -16.01 -1.38
N GLN B 128 -27.22 -16.96 -1.75
CA GLN B 128 -27.22 -17.56 -3.06
C GLN B 128 -27.79 -18.93 -2.89
N ASP B 129 -28.35 -19.47 -3.98
CA ASP B 129 -28.85 -20.82 -3.98
C ASP B 129 -27.66 -21.75 -3.81
N PRO B 130 -27.74 -22.69 -2.86
CA PRO B 130 -26.64 -23.59 -2.62
C PRO B 130 -26.09 -24.20 -3.87
N THR B 131 -26.92 -24.87 -4.67
CA THR B 131 -26.44 -25.68 -5.78
C THR B 131 -25.59 -24.83 -6.70
N GLU B 132 -26.08 -23.63 -7.03
CA GLU B 132 -25.36 -22.74 -7.93
C GLU B 132 -24.02 -22.28 -7.34
N CYS B 133 -23.96 -22.17 -6.03
CA CYS B 133 -22.80 -21.64 -5.37
C CYS B 133 -21.72 -22.73 -5.37
N LEU B 134 -22.11 -23.92 -4.99
CA LEU B 134 -21.24 -25.12 -4.98
C LEU B 134 -20.51 -25.34 -6.30
N PHE B 135 -21.28 -25.51 -7.36
CA PHE B 135 -20.71 -25.76 -8.69
C PHE B 135 -20.02 -24.53 -9.30
N SER B 136 -20.56 -23.33 -9.11
CA SER B 136 -19.77 -22.14 -9.46
C SER B 136 -18.41 -22.09 -8.70
N PHE B 137 -18.40 -22.44 -7.40
CA PHE B 137 -17.14 -22.32 -6.68
C PHE B 137 -16.14 -23.46 -6.93
N ILE B 138 -16.63 -24.60 -7.39
CA ILE B 138 -15.74 -25.61 -8.00
C ILE B 138 -15.03 -25.08 -9.26
N CYS B 139 -15.73 -24.27 -10.05
CA CYS B 139 -15.11 -23.56 -11.18
C CYS B 139 -14.18 -22.38 -10.84
N SER B 140 -13.92 -22.08 -9.54
CA SER B 140 -13.14 -20.87 -9.14
C SER B 140 -11.65 -21.09 -8.92
N SER B 141 -11.23 -22.33 -8.69
CA SER B 141 -9.81 -22.73 -8.53
C SER B 141 -8.91 -22.28 -9.70
N ASN B 142 -7.88 -21.48 -9.40
CA ASN B 142 -6.93 -20.94 -10.40
C ASN B 142 -7.61 -20.16 -11.51
N ASN B 143 -8.31 -19.09 -11.14
CA ASN B 143 -9.08 -18.35 -12.12
C ASN B 143 -9.25 -16.89 -11.74
N ASN B 144 -9.39 -16.04 -12.76
CA ASN B 144 -9.86 -14.68 -12.58
C ASN B 144 -11.41 -14.69 -12.66
N ILE B 145 -12.04 -13.57 -12.38
CA ILE B 145 -13.50 -13.47 -12.40
C ILE B 145 -14.05 -13.61 -13.82
N ALA B 146 -13.59 -12.78 -14.75
CA ALA B 146 -14.09 -12.85 -16.12
C ALA B 146 -14.11 -14.29 -16.72
N ARG B 147 -13.18 -15.14 -16.31
CA ARG B 147 -13.11 -16.52 -16.82
C ARG B 147 -13.97 -17.50 -16.03
N ILE B 148 -14.29 -17.20 -14.78
CA ILE B 148 -15.26 -18.04 -14.05
C ILE B 148 -16.65 -17.79 -14.64
N THR B 149 -16.95 -16.53 -14.91
CA THR B 149 -18.18 -16.10 -15.56
C THR B 149 -18.40 -16.80 -16.88
N GLY B 150 -17.33 -16.84 -17.68
CA GLY B 150 -17.31 -17.62 -18.91
C GLY B 150 -17.73 -19.07 -18.70
N MET B 151 -17.08 -19.74 -17.76
CA MET B 151 -17.33 -21.15 -17.49
C MET B 151 -18.76 -21.45 -17.00
N VAL B 152 -19.28 -20.52 -16.19
CA VAL B 152 -20.60 -20.70 -15.59
C VAL B 152 -21.65 -20.51 -16.67
N GLU B 153 -21.53 -19.47 -17.50
CA GLU B 153 -22.43 -19.28 -18.65
C GLU B 153 -22.57 -20.57 -19.47
N ARG B 154 -21.41 -21.13 -19.84
CA ARG B 154 -21.37 -22.24 -20.77
C ARG B 154 -21.80 -23.49 -20.06
N LEU B 155 -21.47 -23.63 -18.79
CA LEU B 155 -22.06 -24.75 -18.04
C LEU B 155 -23.61 -24.68 -17.97
N CYS B 156 -24.15 -23.46 -17.97
CA CYS B 156 -25.57 -23.23 -17.86
C CYS B 156 -26.26 -23.42 -19.24
N GLN B 157 -25.71 -22.78 -20.26
CA GLN B 157 -26.12 -22.95 -21.65
C GLN B 157 -26.23 -24.43 -22.11
N ALA B 158 -25.27 -25.25 -21.71
CA ALA B 158 -25.20 -26.67 -22.12
C ALA B 158 -26.02 -27.65 -21.29
N PHE B 159 -26.19 -27.39 -20.00
CA PHE B 159 -26.83 -28.37 -19.10
C PHE B 159 -28.11 -27.91 -18.38
N GLY B 160 -28.52 -26.65 -18.58
CA GLY B 160 -29.66 -26.11 -17.86
C GLY B 160 -30.73 -25.57 -18.78
N PRO B 161 -31.99 -25.54 -18.30
CA PRO B 161 -33.13 -25.15 -19.16
C PRO B 161 -33.04 -23.74 -19.74
N ARG B 162 -33.23 -23.61 -21.04
N ARG B 162 -33.24 -23.63 -21.04
CA ARG B 162 -33.32 -22.29 -21.66
CA ARG B 162 -33.39 -22.36 -21.76
C ARG B 162 -34.60 -21.62 -21.14
C ARG B 162 -34.63 -21.62 -21.18
N LEU B 163 -34.55 -20.30 -21.00
CA LEU B 163 -35.66 -19.52 -20.43
C LEU B 163 -36.19 -18.49 -21.43
N ILE B 164 -35.29 -17.66 -21.92
CA ILE B 164 -35.68 -16.52 -22.71
C ILE B 164 -34.47 -15.98 -23.42
N GLN B 165 -34.70 -15.17 -24.44
CA GLN B 165 -33.63 -14.44 -25.13
C GLN B 165 -33.92 -12.95 -25.14
N LEU B 166 -32.95 -12.16 -24.68
CA LEU B 166 -32.96 -10.72 -24.87
C LEU B 166 -31.74 -10.39 -25.73
N ASP B 167 -31.88 -9.38 -26.59
CA ASP B 167 -30.85 -8.99 -27.59
C ASP B 167 -30.17 -10.20 -28.26
N ASP B 168 -28.86 -10.41 -28.02
CA ASP B 168 -28.15 -11.58 -28.51
C ASP B 168 -27.64 -12.41 -27.32
N VAL B 169 -28.43 -12.44 -26.24
CA VAL B 169 -28.07 -13.16 -25.02
C VAL B 169 -29.19 -14.11 -24.70
N THR B 170 -28.86 -15.38 -24.61
CA THR B 170 -29.83 -16.37 -24.20
C THR B 170 -29.50 -16.81 -22.76
N TYR B 171 -30.54 -16.92 -21.95
CA TYR B 171 -30.43 -17.12 -20.53
C TYR B 171 -30.94 -18.50 -20.16
N HIS B 172 -30.20 -19.17 -19.30
CA HIS B 172 -30.57 -20.51 -18.86
C HIS B 172 -30.55 -20.48 -17.35
N GLY B 173 -31.42 -21.23 -16.73
CA GLY B 173 -31.35 -21.42 -15.31
C GLY B 173 -30.23 -22.40 -15.02
N PHE B 174 -29.89 -22.51 -13.75
CA PHE B 174 -28.79 -23.32 -13.33
C PHE B 174 -29.18 -24.80 -13.33
N PRO B 175 -28.26 -25.67 -13.74
CA PRO B 175 -28.62 -27.06 -13.77
C PRO B 175 -28.94 -27.64 -12.42
N ASN B 176 -29.64 -28.75 -12.49
CA ASN B 176 -29.98 -29.52 -11.32
C ASN B 176 -28.90 -30.62 -11.19
N LEU B 177 -28.87 -31.28 -10.06
CA LEU B 177 -27.89 -32.33 -9.80
C LEU B 177 -27.91 -33.44 -10.85
N HIS B 178 -29.12 -33.98 -11.10
CA HIS B 178 -29.34 -35.04 -12.07
C HIS B 178 -28.70 -34.74 -13.44
N ALA B 179 -28.75 -33.49 -13.88
CA ALA B 179 -28.27 -33.09 -15.18
C ALA B 179 -26.74 -32.92 -15.19
N LEU B 180 -26.13 -32.70 -14.03
CA LEU B 180 -24.66 -32.59 -13.93
C LEU B 180 -23.97 -33.95 -13.64
N ALA B 181 -24.71 -34.90 -13.04
CA ALA B 181 -24.23 -36.29 -12.90
C ALA B 181 -24.24 -37.13 -14.20
N GLY B 182 -24.84 -36.60 -15.28
CA GLY B 182 -25.12 -37.39 -16.46
C GLY B 182 -23.87 -37.92 -17.14
N PRO B 183 -24.00 -38.98 -17.94
CA PRO B 183 -22.92 -39.59 -18.74
C PRO B 183 -22.02 -38.60 -19.49
N GLU B 184 -22.61 -37.72 -20.31
CA GLU B 184 -21.84 -36.82 -21.18
C GLU B 184 -21.00 -35.72 -20.45
N ALA B 185 -21.19 -35.57 -19.14
CA ALA B 185 -20.92 -34.30 -18.45
C ALA B 185 -19.46 -33.86 -18.34
N GLU B 186 -18.53 -34.77 -17.99
CA GLU B 186 -17.11 -34.38 -17.83
C GLU B 186 -16.59 -33.99 -19.19
N THR B 187 -16.84 -34.88 -20.16
CA THR B 187 -16.39 -34.70 -21.53
C THR B 187 -16.87 -33.34 -22.06
N HIS B 188 -18.19 -33.17 -22.08
CA HIS B 188 -18.83 -31.95 -22.61
C HIS B 188 -18.30 -30.70 -21.86
N LEU B 189 -18.16 -30.76 -20.54
CA LEU B 189 -17.58 -29.60 -19.81
C LEU B 189 -16.07 -29.33 -20.16
N ARG B 190 -15.33 -30.40 -20.44
CA ARG B 190 -13.98 -30.22 -21.00
C ARG B 190 -14.02 -29.63 -22.39
N LYS B 191 -15.00 -30.04 -23.21
CA LYS B 191 -15.22 -29.38 -24.51
C LYS B 191 -15.36 -27.87 -24.27
N LEU B 192 -16.21 -27.50 -23.32
CA LEU B 192 -16.48 -26.08 -23.04
C LEU B 192 -15.35 -25.35 -22.33
N GLY B 193 -14.40 -26.12 -21.81
CA GLY B 193 -13.09 -25.60 -21.41
C GLY B 193 -12.92 -25.46 -19.91
N LEU B 194 -13.58 -26.33 -19.14
CA LEU B 194 -13.47 -26.27 -17.67
C LEU B 194 -12.23 -26.93 -17.09
N GLY B 195 -11.53 -27.76 -17.86
CA GLY B 195 -10.33 -28.43 -17.38
C GLY B 195 -10.64 -29.50 -16.34
N TYR B 196 -9.76 -29.60 -15.35
CA TYR B 196 -9.97 -30.47 -14.17
C TYR B 196 -11.30 -30.16 -13.47
N ARG B 197 -11.76 -28.91 -13.56
CA ARG B 197 -12.98 -28.49 -12.86
C ARG B 197 -14.20 -29.29 -13.39
N ALA B 198 -14.18 -29.58 -14.69
CA ALA B 198 -15.15 -30.52 -15.28
C ALA B 198 -15.21 -31.86 -14.54
N ARG B 199 -14.08 -32.39 -14.13
CA ARG B 199 -14.05 -33.68 -13.40
C ARG B 199 -14.81 -33.65 -12.07
N TYR B 200 -14.59 -32.56 -11.31
CA TYR B 200 -15.12 -32.44 -9.94
C TYR B 200 -16.63 -32.06 -9.88
N VAL B 201 -17.04 -31.17 -10.80
CA VAL B 201 -18.48 -30.91 -11.09
C VAL B 201 -19.28 -32.22 -11.20
N ARG B 202 -18.87 -33.05 -12.16
CA ARG B 202 -19.60 -34.28 -12.43
C ARG B 202 -19.69 -35.10 -11.16
N ALA B 203 -18.52 -35.40 -10.60
CA ALA B 203 -18.39 -36.26 -9.41
C ALA B 203 -19.15 -35.77 -8.16
N SER B 204 -19.17 -34.45 -7.94
CA SER B 204 -19.85 -33.89 -6.77
C SER B 204 -21.36 -34.01 -6.93
N ALA B 205 -21.84 -33.77 -8.16
CA ALA B 205 -23.24 -34.04 -8.48
C ALA B 205 -23.57 -35.50 -8.15
N LYS B 206 -22.77 -36.42 -8.71
CA LYS B 206 -22.88 -37.86 -8.39
C LYS B 206 -22.90 -38.15 -6.89
N ALA B 207 -21.94 -37.58 -6.18
CA ALA B 207 -21.80 -37.81 -4.74
C ALA B 207 -23.04 -37.36 -3.96
N ILE B 208 -23.52 -36.14 -4.23
CA ILE B 208 -24.69 -35.62 -3.54
C ILE B 208 -25.89 -36.51 -3.79
N LEU B 209 -26.11 -36.91 -5.04
CA LEU B 209 -27.26 -37.76 -5.40
C LEU B 209 -27.19 -39.16 -4.79
N GLU B 210 -26.09 -39.85 -5.06
CA GLU B 210 -25.91 -41.24 -4.62
C GLU B 210 -25.70 -41.30 -3.11
N GLU B 211 -24.48 -41.02 -2.68
CA GLU B 211 -24.01 -41.39 -1.35
C GLU B 211 -24.29 -40.33 -0.25
N GLN B 212 -25.28 -39.44 -0.48
CA GLN B 212 -25.79 -38.50 0.55
C GLN B 212 -27.33 -38.52 0.66
N GLY B 213 -28.03 -38.18 -0.43
CA GLY B 213 -29.51 -38.18 -0.43
C GLY B 213 -30.19 -37.58 -1.65
N GLY B 214 -30.19 -36.26 -1.74
CA GLY B 214 -30.70 -35.57 -2.91
C GLY B 214 -30.40 -34.08 -2.89
N PRO B 215 -31.19 -33.28 -3.64
CA PRO B 215 -31.17 -31.81 -3.51
C PRO B 215 -31.33 -31.30 -2.08
N ALA B 216 -32.03 -32.07 -1.23
CA ALA B 216 -32.26 -31.72 0.17
C ALA B 216 -31.00 -31.75 1.08
N TRP B 217 -29.97 -32.53 0.71
CA TRP B 217 -28.76 -32.60 1.53
C TRP B 217 -28.04 -31.26 1.60
N LEU B 218 -28.08 -30.50 0.50
CA LEU B 218 -27.54 -29.13 0.49
C LEU B 218 -28.32 -28.20 1.39
N GLN B 219 -29.64 -28.13 1.22
CA GLN B 219 -30.49 -27.24 2.04
C GLN B 219 -30.54 -27.61 3.55
N GLN B 220 -30.15 -28.85 3.90
CA GLN B 220 -29.98 -29.26 5.32
C GLN B 220 -28.88 -28.46 6.04
N LEU B 221 -27.81 -28.14 5.31
CA LEU B 221 -26.59 -27.56 5.89
C LEU B 221 -26.80 -26.09 6.28
N ARG B 222 -27.38 -25.35 5.36
CA ARG B 222 -28.01 -24.04 5.61
C ARG B 222 -28.73 -23.94 6.97
N VAL B 223 -29.30 -25.04 7.42
CA VAL B 223 -29.92 -25.16 8.74
C VAL B 223 -28.91 -25.58 9.82
N ALA B 224 -28.04 -26.52 9.46
CA ALA B 224 -27.07 -27.09 10.40
C ALA B 224 -26.03 -26.04 10.88
N PRO B 225 -25.31 -26.32 11.98
CA PRO B 225 -24.21 -25.43 12.40
C PRO B 225 -22.99 -25.32 11.42
N TYR B 226 -22.32 -24.17 11.46
CA TYR B 226 -21.10 -23.90 10.64
C TYR B 226 -20.13 -25.05 10.57
N GLU B 227 -19.81 -25.65 11.70
CA GLU B 227 -18.79 -26.70 11.75
C GLU B 227 -19.26 -27.94 10.98
N GLU B 228 -20.55 -28.31 11.21
CA GLU B 228 -21.19 -29.46 10.56
C GLU B 228 -21.09 -29.29 9.05
N ALA B 229 -21.60 -28.15 8.58
CA ALA B 229 -21.62 -27.82 7.16
C ALA B 229 -20.25 -27.89 6.46
N HIS B 230 -19.22 -27.35 7.12
CA HIS B 230 -17.90 -27.23 6.52
C HIS B 230 -17.30 -28.59 6.30
N LYS B 231 -17.23 -29.39 7.36
CA LYS B 231 -16.67 -30.76 7.31
C LYS B 231 -17.28 -31.60 6.16
N ALA B 232 -18.60 -31.48 6.02
CA ALA B 232 -19.35 -32.24 5.01
C ALA B 232 -19.10 -31.76 3.56
N LEU B 233 -19.03 -30.45 3.34
CA LEU B 233 -18.64 -29.93 2.02
C LEU B 233 -17.25 -30.41 1.60
N CYS B 234 -16.30 -30.50 2.54
CA CYS B 234 -14.93 -30.94 2.23
C CYS B 234 -14.81 -32.41 1.81
N THR B 235 -15.83 -33.23 2.13
CA THR B 235 -15.93 -34.63 1.63
C THR B 235 -16.17 -34.75 0.12
N LEU B 236 -16.68 -33.69 -0.50
CA LEU B 236 -16.99 -33.69 -1.94
C LEU B 236 -15.74 -33.47 -2.77
N PRO B 237 -15.70 -34.05 -3.98
CA PRO B 237 -14.68 -33.83 -5.01
C PRO B 237 -14.43 -32.39 -5.40
N GLY B 238 -13.20 -31.92 -5.22
CA GLY B 238 -12.83 -30.57 -5.62
C GLY B 238 -13.22 -29.48 -4.63
N VAL B 239 -13.70 -29.88 -3.46
CA VAL B 239 -14.08 -28.93 -2.41
C VAL B 239 -13.11 -29.13 -1.25
N GLY B 240 -12.19 -28.19 -1.11
CA GLY B 240 -11.31 -28.10 0.02
C GLY B 240 -11.79 -27.04 0.98
N ALA B 241 -10.86 -26.48 1.74
CA ALA B 241 -11.21 -25.64 2.86
C ALA B 241 -11.73 -24.29 2.41
N LYS B 242 -11.07 -23.70 1.44
CA LYS B 242 -11.44 -22.38 0.95
C LYS B 242 -12.78 -22.36 0.23
N VAL B 243 -13.01 -23.37 -0.59
CA VAL B 243 -14.24 -23.45 -1.36
C VAL B 243 -15.38 -23.71 -0.40
N ALA B 244 -15.16 -24.61 0.55
CA ALA B 244 -16.18 -24.91 1.52
C ALA B 244 -16.63 -23.67 2.29
N ASP B 245 -15.69 -22.78 2.62
CA ASP B 245 -15.99 -21.61 3.40
C ASP B 245 -16.76 -20.62 2.55
N CYS B 246 -16.31 -20.37 1.31
CA CYS B 246 -17.06 -19.59 0.32
C CYS B 246 -18.57 -19.93 0.25
N ILE B 247 -18.89 -21.23 0.29
CA ILE B 247 -20.27 -21.71 0.19
C ILE B 247 -21.03 -21.50 1.49
N CYS B 248 -20.42 -21.90 2.61
CA CYS B 248 -20.97 -21.59 3.94
C CYS B 248 -21.39 -20.14 4.09
N LEU B 249 -20.56 -19.24 3.61
CA LEU B 249 -20.78 -17.82 3.75
C LEU B 249 -21.79 -17.29 2.78
N MET B 250 -21.76 -17.77 1.56
CA MET B 250 -22.56 -17.16 0.53
C MET B 250 -23.91 -17.85 0.29
N ALA B 251 -24.07 -19.05 0.83
CA ALA B 251 -25.25 -19.88 0.56
C ALA B 251 -25.80 -20.65 1.77
N LEU B 252 -24.97 -20.97 2.76
CA LEU B 252 -25.48 -21.64 3.94
C LEU B 252 -25.70 -20.75 5.18
N ASP B 253 -25.84 -19.43 5.01
CA ASP B 253 -26.11 -18.51 6.13
C ASP B 253 -25.11 -18.76 7.27
N LYS B 254 -23.83 -18.77 6.94
CA LYS B 254 -22.79 -18.86 7.97
C LYS B 254 -21.97 -17.60 7.80
N PRO B 255 -22.48 -16.47 8.31
CA PRO B 255 -21.76 -15.23 8.05
C PRO B 255 -20.41 -15.17 8.72
N GLN B 256 -20.06 -16.14 9.56
CA GLN B 256 -18.81 -16.11 10.26
C GLN B 256 -17.72 -16.87 9.51
N ALA B 257 -18.09 -17.45 8.38
CA ALA B 257 -17.13 -18.15 7.52
C ALA B 257 -16.22 -17.13 6.91
N VAL B 258 -14.92 -17.41 7.02
CA VAL B 258 -13.88 -16.61 6.44
C VAL B 258 -13.03 -17.54 5.55
N PRO B 259 -13.13 -17.36 4.23
CA PRO B 259 -12.39 -18.17 3.28
C PRO B 259 -10.95 -17.73 3.18
N VAL B 260 -10.03 -18.65 3.40
CA VAL B 260 -8.63 -18.31 3.46
C VAL B 260 -7.87 -18.88 2.26
N ASP B 261 -7.22 -17.98 1.51
CA ASP B 261 -6.16 -18.33 0.54
C ASP B 261 -4.98 -17.35 0.63
N VAL B 262 -4.10 -17.30 -0.38
CA VAL B 262 -2.82 -16.61 -0.24
C VAL B 262 -2.96 -15.11 -0.18
N HIS B 263 -3.95 -14.57 -0.87
CA HIS B 263 -4.17 -13.13 -0.77
C HIS B 263 -4.51 -12.79 0.68
N VAL B 264 -5.31 -13.62 1.35
CA VAL B 264 -5.65 -13.38 2.76
C VAL B 264 -4.41 -13.41 3.66
N TRP B 265 -3.44 -14.27 3.40
CA TRP B 265 -2.20 -14.29 4.17
C TRP B 265 -1.44 -13.00 3.98
N GLN B 266 -1.38 -12.53 2.73
CA GLN B 266 -0.64 -11.30 2.41
C GLN B 266 -1.27 -10.14 3.15
N ILE B 267 -2.58 -9.96 2.95
CA ILE B 267 -3.33 -8.92 3.67
C ILE B 267 -3.26 -9.03 5.17
N ALA B 268 -3.40 -10.24 5.70
CA ALA B 268 -3.30 -10.42 7.14
C ALA B 268 -1.91 -10.10 7.64
N HIS B 269 -0.91 -10.43 6.84
CA HIS B 269 0.46 -10.14 7.23
C HIS B 269 0.78 -8.65 7.10
N ARG B 270 0.50 -8.07 5.95
CA ARG B 270 0.78 -6.64 5.70
C ARG B 270 0.04 -5.70 6.65
N ASP B 271 -1.29 -5.81 6.67
CA ASP B 271 -2.15 -4.81 7.31
C ASP B 271 -2.50 -5.10 8.76
N TYR B 272 -2.31 -6.33 9.23
CA TYR B 272 -2.54 -6.68 10.63
C TYR B 272 -1.34 -7.21 11.37
N GLY B 273 -0.18 -7.30 10.71
CA GLY B 273 1.03 -7.88 11.30
C GLY B 273 0.92 -9.34 11.76
N TRP B 274 0.20 -10.17 11.02
CA TRP B 274 -0.08 -11.53 11.46
C TRP B 274 0.97 -12.49 10.92
N HIS B 275 1.34 -13.46 11.75
CA HIS B 275 2.12 -14.64 11.30
C HIS B 275 1.55 -15.88 11.96
N PRO B 276 1.56 -17.02 11.27
CA PRO B 276 1.25 -18.27 11.97
C PRO B 276 2.19 -18.60 13.18
N LYS B 277 1.63 -19.22 14.24
CA LYS B 277 2.40 -19.97 15.23
C LYS B 277 3.59 -20.70 14.59
N THR B 278 4.78 -20.63 15.20
CA THR B 278 5.98 -21.29 14.63
C THR B 278 5.87 -22.84 14.71
N SER B 279 4.95 -23.40 13.92
CA SER B 279 4.92 -24.81 13.60
C SER B 279 5.43 -24.83 12.16
N GLN B 280 6.67 -24.36 12.01
CA GLN B 280 7.31 -24.06 10.71
C GLN B 280 6.49 -23.05 9.87
N ALA B 281 6.95 -22.82 8.64
CA ALA B 281 6.13 -22.20 7.60
C ALA B 281 5.73 -23.29 6.60
N LYS B 282 6.41 -23.37 5.45
CA LYS B 282 5.92 -24.10 4.26
C LYS B 282 4.67 -23.45 3.60
N GLY B 283 4.30 -22.25 4.04
CA GLY B 283 3.13 -21.54 3.51
C GLY B 283 1.78 -22.03 4.01
N PRO B 284 0.70 -21.62 3.32
CA PRO B 284 -0.67 -22.11 3.60
C PRO B 284 -0.82 -23.62 3.88
N SER B 285 -0.53 -24.02 5.12
CA SER B 285 -0.89 -25.34 5.64
C SER B 285 -2.33 -25.25 6.16
N PRO B 286 -3.07 -26.37 6.09
CA PRO B 286 -4.48 -26.36 6.48
C PRO B 286 -4.73 -25.86 7.91
N LEU B 287 -3.76 -26.13 8.79
CA LEU B 287 -3.80 -25.74 10.21
C LEU B 287 -3.66 -24.22 10.36
N ALA B 288 -2.67 -23.66 9.68
CA ALA B 288 -2.42 -22.24 9.71
C ALA B 288 -3.54 -21.47 8.97
N ASN B 289 -4.07 -22.03 7.90
CA ASN B 289 -5.26 -21.45 7.28
C ASN B 289 -6.45 -21.36 8.26
N LYS B 290 -6.66 -22.45 8.99
CA LYS B 290 -7.76 -22.52 9.97
C LYS B 290 -7.58 -21.44 11.02
N GLU B 291 -6.37 -21.38 11.59
CA GLU B 291 -5.92 -20.35 12.54
C GLU B 291 -6.27 -18.94 12.01
N LEU B 292 -5.96 -18.71 10.74
CA LEU B 292 -6.25 -17.39 10.15
C LEU B 292 -7.75 -17.07 10.11
N GLY B 293 -8.58 -18.07 9.86
CA GLY B 293 -10.03 -17.88 9.93
C GLY B 293 -10.49 -17.43 11.29
N ASN B 294 -9.96 -18.12 12.29
CA ASN B 294 -10.24 -17.82 13.68
C ASN B 294 -9.74 -16.45 14.05
N PHE B 295 -8.54 -16.11 13.59
CA PHE B 295 -8.03 -14.76 13.84
C PHE B 295 -9.07 -13.70 13.43
N PHE B 296 -9.53 -13.73 12.20
CA PHE B 296 -10.45 -12.64 11.72
C PHE B 296 -11.86 -12.67 12.40
N ARG B 297 -12.33 -13.83 12.80
CA ARG B 297 -13.54 -13.91 13.65
C ARG B 297 -13.39 -13.29 15.06
N ASN B 298 -12.23 -13.47 15.70
CA ASN B 298 -11.95 -12.80 16.98
C ASN B 298 -11.92 -11.29 16.77
N LEU B 299 -11.27 -10.87 15.70
CA LEU B 299 -11.28 -9.47 15.36
C LEU B 299 -12.73 -8.97 15.09
N TRP B 300 -13.35 -9.44 14.01
CA TRP B 300 -14.54 -8.80 13.48
C TRP B 300 -15.87 -9.27 14.03
N GLY B 301 -15.93 -10.48 14.53
CA GLY B 301 -17.17 -10.96 15.19
C GLY B 301 -17.81 -12.08 14.39
N PRO B 302 -19.15 -12.30 14.56
CA PRO B 302 -19.84 -13.38 13.86
C PRO B 302 -20.29 -13.03 12.42
N TYR B 303 -20.22 -11.75 12.04
CA TYR B 303 -20.30 -11.36 10.63
C TYR B 303 -18.91 -11.21 9.94
N ALA B 304 -17.93 -12.05 10.30
CA ALA B 304 -16.54 -11.87 9.80
C ALA B 304 -16.44 -11.85 8.27
N GLY B 305 -17.00 -12.89 7.65
CA GLY B 305 -17.06 -13.05 6.18
C GLY B 305 -17.54 -11.83 5.44
N TRP B 306 -18.51 -11.16 6.04
CA TRP B 306 -19.05 -9.95 5.46
C TRP B 306 -18.01 -8.90 5.53
N ALA B 307 -17.39 -8.75 6.71
CA ALA B 307 -16.30 -7.77 6.82
C ALA B 307 -15.22 -8.17 5.83
N GLN B 308 -14.86 -9.45 5.76
CA GLN B 308 -13.99 -9.88 4.64
C GLN B 308 -14.46 -9.38 3.24
N ALA B 309 -15.72 -9.57 2.87
CA ALA B 309 -16.14 -9.11 1.54
C ALA B 309 -15.85 -7.66 1.36
N VAL B 310 -16.01 -6.86 2.41
CA VAL B 310 -15.75 -5.41 2.27
C VAL B 310 -14.28 -5.15 1.87
N LEU B 311 -13.34 -5.80 2.55
CA LEU B 311 -11.95 -5.72 2.14
C LEU B 311 -11.67 -6.37 0.78
N PHE B 312 -12.30 -7.50 0.46
CA PHE B 312 -12.11 -8.19 -0.86
C PHE B 312 -12.56 -7.34 -2.03
N SER B 313 -13.83 -6.90 -2.01
CA SER B 313 -14.37 -5.97 -3.04
C SER B 313 -13.84 -4.51 -2.96
N ALA B 314 -12.79 -4.28 -2.16
CA ALA B 314 -11.98 -3.06 -2.22
C ALA B 314 -10.48 -3.29 -2.38
N ASP B 315 -10.06 -4.54 -2.62
CA ASP B 315 -8.72 -4.86 -3.14
C ASP B 315 -8.79 -5.11 -4.67
N LEU B 316 -9.89 -4.67 -5.31
CA LEU B 316 -10.33 -5.11 -6.63
C LEU B 316 -10.60 -3.92 -7.55
N HIS C 3 24.18 25.60 -32.34
CA HIS C 3 24.33 24.98 -33.71
C HIS C 3 23.26 23.87 -33.87
N MET C 4 23.58 22.57 -33.85
CA MET C 4 22.53 21.54 -34.09
C MET C 4 21.65 21.36 -32.87
N ARG C 5 20.40 21.01 -33.14
CA ARG C 5 19.35 21.01 -32.16
C ARG C 5 18.94 19.56 -31.95
N HIS C 6 18.29 19.28 -30.81
CA HIS C 6 17.54 18.05 -30.62
C HIS C 6 16.26 18.09 -31.49
N ARG C 7 16.02 17.01 -32.23
CA ARG C 7 14.88 16.92 -33.11
C ARG C 7 13.60 16.57 -32.35
N THR C 8 12.48 17.06 -32.84
CA THR C 8 11.15 16.54 -32.44
C THR C 8 10.49 16.02 -33.68
N LEU C 9 9.30 15.48 -33.51
CA LEU C 9 8.56 14.79 -34.55
C LEU C 9 8.04 15.87 -35.45
N SER C 10 7.47 16.92 -34.84
CA SER C 10 7.01 18.10 -35.59
C SER C 10 8.14 18.93 -36.28
N SER C 11 9.24 19.24 -35.59
CA SER C 11 10.27 20.10 -36.19
C SER C 11 11.13 19.46 -37.31
N SER C 12 11.10 18.13 -37.50
CA SER C 12 11.95 17.45 -38.52
C SER C 12 11.33 16.16 -39.11
N PRO C 13 10.11 16.21 -39.67
CA PRO C 13 9.37 14.99 -40.10
C PRO C 13 10.16 13.98 -40.92
N ALA C 14 10.92 14.51 -41.85
CA ALA C 14 11.62 13.68 -42.82
C ALA C 14 12.79 12.83 -42.25
N LEU C 15 13.12 12.95 -40.95
CA LEU C 15 14.28 12.24 -40.39
C LEU C 15 13.94 11.10 -39.42
N TRP C 16 12.66 10.90 -39.16
CA TRP C 16 12.17 9.84 -38.29
C TRP C 16 11.76 8.60 -39.08
N ALA C 17 12.07 7.44 -38.50
CA ALA C 17 11.58 6.14 -38.96
C ALA C 17 10.74 5.59 -37.84
N SER C 18 9.94 4.59 -38.18
CA SER C 18 8.99 3.96 -37.27
C SER C 18 9.24 2.44 -37.12
N ILE C 19 8.84 1.93 -35.94
CA ILE C 19 8.85 0.49 -35.62
C ILE C 19 7.46 0.18 -35.04
N PRO C 20 6.72 -0.76 -35.68
CA PRO C 20 5.37 -0.95 -35.12
C PRO C 20 5.54 -1.51 -33.72
N CYS C 21 4.92 -0.88 -32.73
CA CYS C 21 5.15 -1.29 -31.37
C CYS C 21 4.05 -0.78 -30.45
N PRO C 22 3.27 -1.71 -29.89
CA PRO C 22 2.20 -1.18 -29.01
C PRO C 22 2.77 -0.61 -27.74
N ARG C 23 2.03 0.29 -27.09
CA ARG C 23 2.44 0.91 -25.84
C ARG C 23 2.37 -0.10 -24.72
N SER C 24 1.57 -1.13 -24.90
CA SER C 24 1.55 -2.28 -23.98
C SER C 24 2.79 -3.19 -24.13
N GLU C 25 3.44 -3.16 -25.29
CA GLU C 25 4.75 -3.79 -25.47
C GLU C 25 5.97 -2.92 -24.95
N LEU C 26 5.78 -1.64 -24.69
CA LEU C 26 6.90 -0.73 -24.38
C LEU C 26 6.39 0.65 -24.06
N ARG C 27 6.55 1.05 -22.79
CA ARG C 27 6.41 2.43 -22.40
C ARG C 27 7.79 3.01 -22.14
N LEU C 28 8.26 3.84 -23.06
CA LEU C 28 9.50 4.61 -22.91
C LEU C 28 9.71 5.29 -21.57
N ASP C 29 8.73 6.08 -21.14
CA ASP C 29 8.80 6.78 -19.85
C ASP C 29 8.83 5.90 -18.57
N LEU C 30 8.61 4.59 -18.71
CA LEU C 30 8.76 3.66 -17.56
C LEU C 30 10.02 2.81 -17.68
N VAL C 31 10.73 2.94 -18.79
CA VAL C 31 11.86 2.07 -19.09
C VAL C 31 13.14 2.90 -19.05
N LEU C 32 13.16 3.98 -19.84
CA LEU C 32 14.36 4.70 -20.15
C LEU C 32 15.01 5.43 -19.00
N ALA C 33 14.27 5.67 -17.92
CA ALA C 33 14.89 6.24 -16.76
C ALA C 33 14.32 5.68 -15.50
N SER C 34 14.08 4.38 -15.49
CA SER C 34 13.66 3.65 -14.32
C SER C 34 14.83 2.84 -13.73
N GLY C 35 16.05 3.38 -13.77
CA GLY C 35 17.18 2.69 -13.11
C GLY C 35 17.71 1.43 -13.80
N GLN C 36 17.49 1.31 -15.12
CA GLN C 36 18.13 0.34 -15.93
C GLN C 36 19.40 0.93 -16.55
N SER C 37 19.20 1.84 -17.50
CA SER C 37 20.22 2.64 -18.14
C SER C 37 20.16 4.02 -17.51
N PHE C 38 21.29 4.72 -17.51
CA PHE C 38 21.33 6.03 -16.92
C PHE C 38 21.61 7.15 -17.93
N ARG C 39 21.48 6.86 -19.22
CA ARG C 39 21.96 7.68 -20.33
C ARG C 39 20.84 8.20 -21.20
N TRP C 40 19.59 8.10 -20.75
CA TRP C 40 18.49 8.66 -21.53
C TRP C 40 17.97 9.86 -20.81
N LYS C 41 17.71 10.92 -21.55
CA LYS C 41 17.20 12.19 -20.99
C LYS C 41 15.98 12.68 -21.79
N GLU C 42 14.88 13.00 -21.11
CA GLU C 42 13.73 13.59 -21.80
C GLU C 42 13.98 15.07 -22.14
N GLN C 43 14.65 15.37 -23.24
CA GLN C 43 15.15 16.75 -23.51
C GLN C 43 14.10 17.74 -24.05
N SER C 44 13.09 17.20 -24.75
CA SER C 44 11.84 17.86 -25.07
C SER C 44 10.79 16.90 -24.50
N PRO C 45 9.63 17.41 -24.04
CA PRO C 45 8.51 16.55 -23.58
C PRO C 45 8.21 15.37 -24.50
N ALA C 46 8.13 14.16 -23.93
CA ALA C 46 7.97 12.88 -24.65
C ALA C 46 9.04 12.47 -25.69
N HIS C 47 10.13 13.21 -25.79
CA HIS C 47 11.23 12.87 -26.69
C HIS C 47 12.45 12.56 -25.83
N TRP C 48 12.91 11.31 -25.92
CA TRP C 48 14.04 10.78 -25.14
C TRP C 48 15.28 10.73 -25.98
N SER C 49 16.33 11.36 -25.48
CA SER C 49 17.59 11.37 -26.20
C SER C 49 18.69 10.67 -25.41
N GLY C 50 19.63 10.07 -26.13
CA GLY C 50 20.60 9.22 -25.46
C GLY C 50 21.57 8.55 -26.39
N VAL C 51 22.69 8.11 -25.86
CA VAL C 51 23.72 7.44 -26.67
C VAL C 51 23.61 5.91 -26.67
N LEU C 52 23.71 5.32 -27.87
CA LEU C 52 23.89 3.88 -28.07
C LEU C 52 25.06 3.66 -28.98
N ALA C 53 26.07 2.98 -28.46
CA ALA C 53 27.28 2.69 -29.21
C ALA C 53 28.01 4.01 -29.55
N ASP C 54 28.13 4.38 -30.81
CA ASP C 54 28.79 5.64 -31.17
C ASP C 54 27.77 6.50 -31.87
N GLN C 55 26.52 6.46 -31.43
CA GLN C 55 25.49 7.29 -32.08
C GLN C 55 24.59 7.83 -31.04
N VAL C 56 24.01 8.99 -31.32
CA VAL C 56 22.93 9.53 -30.49
C VAL C 56 21.61 9.19 -31.15
N TRP C 57 20.64 8.76 -30.36
CA TRP C 57 19.25 8.56 -30.85
C TRP C 57 18.30 9.47 -30.12
N THR C 58 17.20 9.84 -30.78
CA THR C 58 16.07 10.45 -30.10
C THR C 58 14.84 9.57 -30.44
N LEU C 59 14.10 9.21 -29.40
CA LEU C 59 13.01 8.28 -29.51
C LEU C 59 11.78 8.95 -28.96
N THR C 60 10.65 8.69 -29.60
CA THR C 60 9.35 9.13 -29.10
C THR C 60 8.30 8.18 -29.68
N GLN C 61 7.16 8.01 -29.02
CA GLN C 61 6.18 7.02 -29.50
C GLN C 61 4.74 7.52 -29.47
N THR C 62 3.88 6.88 -30.26
CA THR C 62 2.41 7.01 -30.13
C THR C 62 1.85 5.74 -29.46
N GLU C 63 0.52 5.49 -29.54
CA GLU C 63 -0.07 4.28 -28.97
C GLU C 63 0.44 3.00 -29.62
N ASP C 64 0.75 3.08 -30.91
CA ASP C 64 1.14 1.89 -31.70
C ASP C 64 2.45 2.00 -32.52
N GLN C 65 3.08 3.16 -32.61
CA GLN C 65 4.36 3.28 -33.33
C GLN C 65 5.47 3.86 -32.44
N LEU C 66 6.68 3.31 -32.60
CA LEU C 66 7.91 3.85 -31.98
C LEU C 66 8.69 4.62 -33.02
N TYR C 67 8.80 5.93 -32.86
CA TYR C 67 9.56 6.75 -33.82
C TYR C 67 10.96 6.96 -33.30
N CYS C 68 11.94 6.84 -34.19
CA CYS C 68 13.30 7.08 -33.85
C CYS C 68 13.95 7.87 -34.91
N THR C 69 14.97 8.59 -34.48
CA THR C 69 15.82 9.34 -35.40
C THR C 69 17.24 9.22 -34.86
N VAL C 70 18.22 9.16 -35.76
CA VAL C 70 19.63 8.98 -35.39
C VAL C 70 20.49 10.17 -35.88
N TYR C 71 21.45 10.57 -35.06
CA TYR C 71 22.44 11.61 -35.41
C TYR C 71 23.79 10.89 -35.50
N ARG C 72 24.44 10.95 -36.65
CA ARG C 72 25.69 10.19 -36.83
C ARG C 72 26.99 10.88 -36.47
N GLY C 73 26.96 12.15 -36.04
CA GLY C 73 28.19 12.85 -35.59
C GLY C 73 29.10 13.32 -36.72
N ASP C 74 29.57 12.38 -37.55
CA ASP C 74 30.36 12.59 -38.81
C ASP C 74 30.43 14.00 -39.42
N ASP C 75 29.29 14.71 -39.43
CA ASP C 75 29.07 15.99 -40.13
C ASP C 75 28.59 15.71 -41.57
N SER C 76 28.53 14.44 -41.97
CA SER C 76 27.93 14.01 -43.23
C SER C 76 26.40 14.18 -43.20
N GLN C 77 25.78 14.05 -44.38
CA GLN C 77 24.36 14.31 -44.62
C GLN C 77 23.40 13.63 -43.62
N VAL C 78 22.65 14.44 -42.88
CA VAL C 78 21.52 13.95 -42.03
C VAL C 78 20.61 13.03 -42.85
N SER C 79 20.08 11.98 -42.23
CA SER C 79 19.16 11.04 -42.91
C SER C 79 18.39 10.18 -41.93
N ARG C 80 17.32 9.55 -42.43
CA ARG C 80 16.54 8.53 -41.69
C ARG C 80 17.40 7.31 -41.31
N PRO C 81 17.11 6.68 -40.14
CA PRO C 81 17.83 5.45 -39.73
C PRO C 81 17.77 4.35 -40.77
N THR C 82 18.88 3.67 -41.00
CA THR C 82 18.89 2.56 -41.98
C THR C 82 18.10 1.38 -41.44
N LEU C 83 18.03 0.32 -42.24
CA LEU C 83 17.43 -0.90 -41.77
C LEU C 83 18.25 -1.51 -40.62
N GLU C 84 19.60 -1.53 -40.75
CA GLU C 84 20.49 -2.15 -39.71
C GLU C 84 20.51 -1.33 -38.42
N GLU C 85 20.39 -0.01 -38.57
CA GLU C 85 20.23 0.87 -37.41
C GLU C 85 18.93 0.63 -36.69
N LEU C 86 17.83 0.44 -37.42
CA LEU C 86 16.59 0.04 -36.75
C LEU C 86 16.66 -1.36 -36.14
N GLU C 87 17.39 -2.30 -36.75
CA GLU C 87 17.57 -3.64 -36.14
C GLU C 87 18.21 -3.54 -34.75
N THR C 88 19.24 -2.71 -34.60
CA THR C 88 19.92 -2.54 -33.29
C THR C 88 18.95 -2.06 -32.22
N LEU C 89 18.08 -1.12 -32.56
CA LEU C 89 17.07 -0.69 -31.58
C LEU C 89 16.13 -1.77 -31.20
N HIS C 90 15.73 -2.58 -32.17
CA HIS C 90 14.81 -3.72 -31.95
C HIS C 90 15.47 -4.74 -30.96
N LYS C 91 16.77 -4.89 -31.10
CA LYS C 91 17.56 -5.76 -30.26
C LYS C 91 17.70 -5.14 -28.89
N TYR C 92 17.82 -3.82 -28.83
CA TYR C 92 18.02 -3.12 -27.58
C TYR C 92 16.80 -3.16 -26.69
N PHE C 93 15.62 -3.15 -27.32
CA PHE C 93 14.39 -3.26 -26.58
C PHE C 93 13.88 -4.69 -26.52
N GLN C 94 14.63 -5.63 -27.12
CA GLN C 94 14.32 -7.08 -27.04
C GLN C 94 12.86 -7.34 -27.50
N LEU C 95 12.51 -6.70 -28.62
CA LEU C 95 11.14 -6.72 -29.11
C LEU C 95 10.68 -8.08 -29.71
N ASP C 96 11.60 -9.00 -30.02
CA ASP C 96 11.25 -10.41 -30.34
C ASP C 96 10.44 -11.12 -29.25
N VAL C 97 10.56 -10.63 -28.02
CA VAL C 97 9.89 -11.20 -26.86
C VAL C 97 8.59 -10.44 -26.62
N SER C 98 7.50 -11.17 -26.39
CA SER C 98 6.21 -10.59 -26.16
C SER C 98 5.99 -10.39 -24.70
N LEU C 99 5.81 -9.16 -24.31
CA LEU C 99 5.67 -8.81 -22.91
C LEU C 99 4.24 -9.04 -22.46
N ALA C 100 3.34 -9.04 -23.43
CA ALA C 100 1.96 -9.35 -23.14
C ALA C 100 1.85 -10.80 -22.64
N GLN C 101 2.48 -11.74 -23.34
CA GLN C 101 2.45 -13.15 -22.89
C GLN C 101 3.09 -13.33 -21.50
N LEU C 102 4.25 -12.69 -21.28
CA LEU C 102 4.95 -12.79 -19.97
C LEU C 102 4.04 -12.24 -18.91
N TYR C 103 3.37 -11.13 -19.20
CA TYR C 103 2.44 -10.55 -18.17
C TYR C 103 1.34 -11.53 -17.72
N SER C 104 0.63 -12.18 -18.66
CA SER C 104 -0.35 -13.25 -18.28
C SER C 104 0.31 -14.39 -17.50
N HIS C 105 1.42 -14.92 -18.03
CA HIS C 105 2.12 -16.05 -17.39
C HIS C 105 2.49 -15.78 -15.94
N TRP C 106 2.94 -14.54 -15.65
CA TRP C 106 3.23 -14.14 -14.29
C TRP C 106 1.92 -13.91 -13.53
N ALA C 107 0.94 -13.30 -14.18
CA ALA C 107 -0.34 -12.98 -13.47
C ALA C 107 -1.05 -14.22 -13.04
N SER C 108 -0.94 -15.29 -13.83
CA SER C 108 -1.62 -16.55 -13.47
C SER C 108 -1.18 -17.11 -12.12
N VAL C 109 0.04 -16.77 -11.67
CA VAL C 109 0.54 -17.26 -10.37
C VAL C 109 0.65 -16.21 -9.28
N ASP C 110 0.34 -14.95 -9.58
CA ASP C 110 0.68 -13.86 -8.69
C ASP C 110 -0.42 -12.81 -8.79
N SER C 111 -1.32 -12.79 -7.82
CA SER C 111 -2.44 -11.83 -7.78
C SER C 111 -1.90 -10.44 -7.56
N HIS C 112 -0.95 -10.33 -6.61
CA HIS C 112 -0.23 -9.08 -6.38
C HIS C 112 0.36 -8.48 -7.65
N PHE C 113 0.91 -9.31 -8.52
CA PHE C 113 1.44 -8.82 -9.79
C PHE C 113 0.31 -8.39 -10.68
N GLN C 114 -0.76 -9.19 -10.78
CA GLN C 114 -1.91 -8.86 -11.65
C GLN C 114 -2.44 -7.49 -11.24
N ARG C 115 -2.64 -7.27 -9.93
CA ARG C 115 -3.13 -6.00 -9.40
C ARG C 115 -2.27 -4.76 -9.76
N VAL C 116 -0.94 -4.90 -9.77
CA VAL C 116 0.01 -3.79 -10.13
C VAL C 116 0.34 -3.65 -11.66
N ALA C 117 0.45 -4.75 -12.38
CA ALA C 117 0.70 -4.71 -13.84
C ALA C 117 -0.37 -4.07 -14.73
N GLN C 118 -1.62 -3.92 -14.26
CA GLN C 118 -2.66 -3.27 -15.08
C GLN C 118 -2.32 -1.81 -15.38
N LYS C 119 -1.70 -1.12 -14.40
CA LYS C 119 -1.31 0.30 -14.57
C LYS C 119 0.06 0.46 -15.22
N PHE C 120 0.92 -0.57 -15.11
CA PHE C 120 2.32 -0.48 -15.57
C PHE C 120 2.64 -1.45 -16.69
N GLN C 121 2.00 -1.19 -17.81
CA GLN C 121 2.17 -2.00 -19.01
C GLN C 121 3.41 -1.48 -19.68
N GLY C 122 4.02 -2.32 -20.50
CA GLY C 122 5.18 -1.93 -21.27
C GLY C 122 6.51 -1.68 -20.53
N VAL C 123 6.65 -2.17 -19.30
CA VAL C 123 7.95 -2.18 -18.61
C VAL C 123 8.72 -3.43 -19.08
N ARG C 124 9.77 -3.23 -19.85
CA ARG C 124 10.62 -4.33 -20.30
C ARG C 124 12.07 -4.10 -19.96
N LEU C 125 12.90 -5.10 -20.22
CA LEU C 125 14.33 -5.01 -19.97
C LEU C 125 15.10 -4.60 -21.17
N LEU C 126 15.92 -3.55 -21.02
CA LEU C 126 16.78 -3.12 -22.12
C LEU C 126 17.85 -4.17 -22.14
N ARG C 127 18.44 -4.38 -23.31
CA ARG C 127 19.60 -5.19 -23.48
C ARG C 127 20.77 -4.25 -23.75
N GLN C 128 21.57 -4.06 -22.70
CA GLN C 128 22.66 -3.08 -22.68
C GLN C 128 24.04 -3.73 -22.94
N ASP C 129 24.95 -2.88 -23.36
CA ASP C 129 26.38 -3.12 -23.53
C ASP C 129 26.97 -3.51 -22.17
N PRO C 130 27.68 -4.66 -22.07
CA PRO C 130 28.16 -5.14 -20.77
C PRO C 130 29.09 -4.18 -20.04
N THR C 131 29.99 -3.53 -20.77
CA THR C 131 30.95 -2.60 -20.21
C THR C 131 30.29 -1.40 -19.61
N GLU C 132 29.32 -0.83 -20.32
CA GLU C 132 28.61 0.35 -19.81
C GLU C 132 27.82 0.00 -18.59
N CYS C 133 27.23 -1.15 -18.66
CA CYS C 133 26.35 -1.58 -17.63
C CYS C 133 27.16 -1.98 -16.43
N LEU C 134 28.28 -2.63 -16.64
CA LEU C 134 29.20 -2.98 -15.53
C LEU C 134 29.54 -1.73 -14.74
N PHE C 135 30.07 -0.74 -15.43
CA PHE C 135 30.60 0.44 -14.74
C PHE C 135 29.50 1.32 -14.20
N SER C 136 28.34 1.36 -14.87
CA SER C 136 27.18 2.08 -14.30
C SER C 136 26.71 1.52 -13.00
N PHE C 137 26.68 0.20 -12.92
CA PHE C 137 26.24 -0.43 -11.69
C PHE C 137 27.27 -0.40 -10.58
N ILE C 138 28.58 -0.33 -10.86
CA ILE C 138 29.56 -0.04 -9.81
C ILE C 138 29.26 1.36 -9.21
N CYS C 139 28.88 2.34 -10.05
CA CYS C 139 28.53 3.69 -9.54
C CYS C 139 27.19 3.81 -8.77
N SER C 140 26.43 2.73 -8.64
CA SER C 140 25.08 2.74 -8.06
C SER C 140 24.95 2.33 -6.60
N SER C 141 26.07 2.02 -5.94
CA SER C 141 26.07 1.68 -4.52
C SER C 141 25.80 2.97 -3.75
N ASN C 142 24.89 2.86 -2.76
CA ASN C 142 24.46 3.95 -1.87
C ASN C 142 24.27 5.28 -2.59
N ASN C 143 23.48 5.21 -3.66
CA ASN C 143 23.27 6.33 -4.54
C ASN C 143 21.80 6.39 -4.95
N ASN C 144 21.44 7.50 -5.57
CA ASN C 144 20.12 7.65 -6.16
C ASN C 144 20.30 7.77 -7.66
N ILE C 145 19.23 7.52 -8.39
CA ILE C 145 19.24 7.53 -9.86
C ILE C 145 19.90 8.81 -10.42
N ALA C 146 19.51 9.95 -9.88
CA ALA C 146 20.00 11.24 -10.39
C ALA C 146 21.50 11.46 -10.15
N ARG C 147 22.03 10.97 -9.03
CA ARG C 147 23.48 11.02 -8.80
C ARG C 147 24.23 10.03 -9.75
N ILE C 148 23.67 8.82 -9.91
CA ILE C 148 24.27 7.85 -10.83
C ILE C 148 24.34 8.48 -12.20
N THR C 149 23.19 9.01 -12.62
CA THR C 149 23.08 9.68 -13.91
C THR C 149 24.17 10.73 -14.10
N GLY C 150 24.44 11.51 -13.05
CA GLY C 150 25.51 12.54 -13.11
C GLY C 150 26.92 11.96 -13.14
N MET C 151 27.19 11.00 -12.29
CA MET C 151 28.51 10.33 -12.35
C MET C 151 28.81 9.74 -13.72
N VAL C 152 27.84 9.04 -14.32
CA VAL C 152 28.07 8.34 -15.59
C VAL C 152 28.29 9.32 -16.73
N GLU C 153 27.52 10.40 -16.72
CA GLU C 153 27.73 11.45 -17.70
C GLU C 153 29.12 12.11 -17.63
N ARG C 154 29.60 12.47 -16.43
CA ARG C 154 30.95 13.14 -16.32
C ARG C 154 32.07 12.13 -16.70
N LEU C 155 31.86 10.87 -16.28
CA LEU C 155 32.80 9.80 -16.59
C LEU C 155 32.91 9.68 -18.08
N CYS C 156 31.79 9.68 -18.80
CA CYS C 156 31.83 9.61 -20.26
C CYS C 156 32.44 10.86 -20.94
N GLN C 157 32.16 12.04 -20.40
CA GLN C 157 32.75 13.28 -20.93
C GLN C 157 34.30 13.32 -20.79
N ALA C 158 34.78 12.91 -19.62
CA ALA C 158 36.23 12.88 -19.33
C ALA C 158 36.98 11.74 -19.98
N PHE C 159 36.36 10.55 -20.11
CA PHE C 159 37.11 9.37 -20.60
C PHE C 159 36.74 8.91 -21.99
N GLY C 160 35.51 9.18 -22.46
CA GLY C 160 35.11 8.71 -23.80
C GLY C 160 35.13 9.71 -24.96
N PRO C 161 35.10 9.19 -26.20
CA PRO C 161 35.20 10.07 -27.35
C PRO C 161 33.97 10.99 -27.54
N ARG C 162 34.21 12.29 -27.84
CA ARG C 162 33.18 13.21 -28.27
C ARG C 162 32.40 12.63 -29.47
N LEU C 163 31.07 12.61 -29.40
CA LEU C 163 30.28 12.17 -30.55
C LEU C 163 29.63 13.34 -31.32
N ILE C 164 28.79 14.09 -30.59
CA ILE C 164 28.11 15.23 -31.19
C ILE C 164 27.68 16.23 -30.14
N GLN C 165 27.40 17.47 -30.56
CA GLN C 165 26.70 18.42 -29.71
C GLN C 165 25.33 18.69 -30.29
N LEU C 166 24.35 18.78 -29.40
CA LEU C 166 22.98 19.10 -29.75
C LEU C 166 22.48 20.05 -28.67
N ASP C 167 21.93 21.20 -29.09
CA ASP C 167 21.62 22.31 -28.16
C ASP C 167 22.87 22.56 -27.32
N ASP C 168 22.76 22.59 -25.99
CA ASP C 168 23.93 22.73 -25.10
C ASP C 168 24.57 21.40 -24.59
N VAL C 169 24.17 20.25 -25.14
CA VAL C 169 24.52 18.93 -24.61
C VAL C 169 25.57 18.26 -25.50
N THR C 170 26.75 18.03 -24.95
CA THR C 170 27.81 17.34 -25.69
C THR C 170 27.70 15.85 -25.28
N TYR C 171 27.55 14.97 -26.26
CA TYR C 171 27.31 13.54 -25.99
C TYR C 171 28.61 12.83 -26.21
N HIS C 172 28.98 11.95 -25.26
CA HIS C 172 30.17 11.13 -25.44
C HIS C 172 29.80 9.68 -25.39
N GLY C 173 30.55 8.87 -26.14
CA GLY C 173 30.49 7.44 -26.07
C GLY C 173 31.03 6.89 -24.75
N PHE C 174 30.73 5.61 -24.51
CA PHE C 174 31.22 4.97 -23.29
C PHE C 174 32.67 4.64 -23.51
N PRO C 175 33.49 4.93 -22.51
CA PRO C 175 34.91 4.66 -22.67
C PRO C 175 35.29 3.19 -22.77
N ASN C 176 36.49 2.96 -23.33
CA ASN C 176 37.06 1.65 -23.37
C ASN C 176 37.70 1.42 -22.04
N LEU C 177 38.04 0.15 -21.80
CA LEU C 177 38.58 -0.28 -20.54
C LEU C 177 39.96 0.32 -20.31
N HIS C 178 40.81 0.30 -21.33
CA HIS C 178 42.17 0.87 -21.23
C HIS C 178 42.15 2.33 -20.76
N ALA C 179 41.19 3.12 -21.22
CA ALA C 179 41.10 4.51 -20.73
C ALA C 179 40.75 4.60 -19.27
N LEU C 180 40.02 3.63 -18.73
CA LEU C 180 39.64 3.71 -17.29
C LEU C 180 40.64 3.00 -16.39
N ALA C 181 41.58 2.26 -17.00
CA ALA C 181 42.58 1.53 -16.28
C ALA C 181 43.79 2.34 -15.90
N GLY C 182 43.92 3.58 -16.39
CA GLY C 182 45.23 4.27 -16.44
C GLY C 182 45.67 4.71 -15.07
N PRO C 183 46.95 5.10 -14.94
CA PRO C 183 47.48 5.39 -13.57
C PRO C 183 46.89 6.62 -12.93
N GLU C 184 46.34 7.54 -13.72
CA GLU C 184 45.71 8.74 -13.13
C GLU C 184 44.16 8.66 -12.99
N ALA C 185 43.58 7.56 -13.42
CA ALA C 185 42.13 7.51 -13.65
C ALA C 185 41.37 7.60 -12.36
N GLU C 186 41.84 6.93 -11.31
CA GLU C 186 41.15 6.99 -10.05
C GLU C 186 41.15 8.39 -9.52
N THR C 187 42.28 9.10 -9.67
CA THR C 187 42.37 10.47 -9.10
C THR C 187 41.35 11.35 -9.82
N HIS C 188 41.35 11.17 -11.13
CA HIS C 188 40.50 11.91 -12.08
C HIS C 188 39.03 11.64 -11.81
N LEU C 189 38.66 10.37 -11.59
CA LEU C 189 37.27 10.00 -11.30
C LEU C 189 36.85 10.50 -9.92
N ARG C 190 37.81 10.62 -9.00
CA ARG C 190 37.51 11.18 -7.67
C ARG C 190 37.07 12.63 -7.70
N LYS C 191 37.65 13.36 -8.65
CA LYS C 191 37.39 14.79 -8.85
C LYS C 191 36.04 14.99 -9.53
N LEU C 192 35.63 14.01 -10.32
CA LEU C 192 34.32 14.02 -10.91
C LEU C 192 33.22 13.60 -9.91
N GLY C 193 33.54 13.41 -8.62
CA GLY C 193 32.52 13.25 -7.60
C GLY C 193 32.19 11.82 -7.29
N LEU C 194 32.89 10.86 -7.93
CA LEU C 194 32.53 9.42 -7.78
C LEU C 194 32.83 8.84 -6.41
N GLY C 195 33.77 9.45 -5.68
CA GLY C 195 34.07 9.02 -4.33
C GLY C 195 34.77 7.69 -4.37
N TYR C 196 34.51 6.88 -3.34
CA TYR C 196 35.14 5.55 -3.20
C TYR C 196 34.98 4.68 -4.44
N ARG C 197 33.90 4.93 -5.17
CA ARG C 197 33.56 4.13 -6.34
C ARG C 197 34.60 4.32 -7.47
N ALA C 198 35.42 5.38 -7.42
CA ALA C 198 36.54 5.52 -8.37
C ALA C 198 37.56 4.39 -8.26
N ARG C 199 37.82 3.92 -7.04
CA ARG C 199 38.75 2.81 -6.85
C ARG C 199 38.23 1.61 -7.62
N TYR C 200 36.98 1.25 -7.39
CA TYR C 200 36.44 0.03 -7.99
C TYR C 200 36.35 0.14 -9.50
N VAL C 201 35.97 1.30 -10.02
CA VAL C 201 35.96 1.51 -11.48
C VAL C 201 37.33 1.22 -12.09
N ARG C 202 38.34 1.96 -11.64
CA ARG C 202 39.68 1.81 -12.19
C ARG C 202 40.14 0.37 -12.00
N ALA C 203 40.03 -0.12 -10.76
CA ALA C 203 40.48 -1.50 -10.45
C ALA C 203 39.76 -2.57 -11.28
N SER C 204 38.45 -2.44 -11.46
CA SER C 204 37.73 -3.40 -12.28
C SER C 204 38.10 -3.24 -13.74
N ALA C 205 38.29 -2.02 -14.23
CA ALA C 205 38.82 -1.87 -15.63
C ALA C 205 40.17 -2.59 -15.81
N LYS C 206 41.04 -2.45 -14.84
CA LYS C 206 42.37 -3.06 -14.89
C LYS C 206 42.23 -4.60 -14.81
N ALA C 207 41.43 -5.09 -13.88
CA ALA C 207 41.23 -6.52 -13.69
C ALA C 207 40.67 -7.22 -14.91
N ILE C 208 39.74 -6.57 -15.59
CA ILE C 208 39.13 -7.20 -16.74
C ILE C 208 40.16 -7.33 -17.85
N LEU C 209 41.03 -6.34 -18.02
CA LEU C 209 42.07 -6.41 -19.06
C LEU C 209 43.10 -7.50 -18.76
N GLU C 210 43.74 -7.38 -17.61
CA GLU C 210 44.88 -8.19 -17.21
C GLU C 210 44.51 -9.59 -16.67
N GLU C 211 43.50 -9.67 -15.82
CA GLU C 211 43.15 -10.92 -15.18
C GLU C 211 42.18 -11.72 -16.00
N GLN C 212 41.58 -11.12 -17.02
CA GLN C 212 40.48 -11.77 -17.75
C GLN C 212 40.54 -11.64 -19.28
N GLY C 213 41.41 -10.78 -19.81
CA GLY C 213 41.63 -10.68 -21.26
C GLY C 213 40.74 -9.74 -22.07
N GLY C 214 40.20 -8.72 -21.43
CA GLY C 214 39.56 -7.63 -22.10
C GLY C 214 38.11 -7.94 -22.40
N PRO C 215 37.50 -7.13 -23.28
CA PRO C 215 36.06 -7.13 -23.36
C PRO C 215 35.49 -8.39 -23.99
N ALA C 216 36.33 -9.18 -24.65
CA ALA C 216 35.91 -10.50 -25.12
C ALA C 216 35.38 -11.36 -23.93
N TRP C 217 35.98 -11.18 -22.77
CA TRP C 217 35.49 -11.82 -21.54
C TRP C 217 34.01 -11.53 -21.32
N LEU C 218 33.66 -10.24 -21.31
CA LEU C 218 32.24 -9.88 -21.06
C LEU C 218 31.30 -10.57 -22.03
N GLN C 219 31.68 -10.56 -23.31
CA GLN C 219 30.96 -11.31 -24.33
C GLN C 219 30.92 -12.83 -24.05
N GLN C 220 31.99 -13.44 -23.59
CA GLN C 220 31.93 -14.88 -23.21
C GLN C 220 30.86 -15.13 -22.17
N LEU C 221 30.73 -14.21 -21.21
CA LEU C 221 29.74 -14.40 -20.13
C LEU C 221 28.31 -14.25 -20.64
N ARG C 222 28.15 -13.59 -21.76
CA ARG C 222 26.83 -13.51 -22.39
C ARG C 222 26.38 -14.90 -22.81
N VAL C 223 27.29 -15.69 -23.36
CA VAL C 223 26.99 -17.05 -23.87
C VAL C 223 27.01 -18.10 -22.74
N ALA C 224 27.86 -17.87 -21.73
CA ALA C 224 27.97 -18.81 -20.62
C ALA C 224 26.70 -18.84 -19.75
N PRO C 225 26.46 -19.92 -19.00
CA PRO C 225 25.29 -19.90 -18.14
C PRO C 225 25.36 -18.87 -17.01
N TYR C 226 24.17 -18.46 -16.57
CA TYR C 226 23.97 -17.51 -15.49
C TYR C 226 24.85 -17.70 -14.30
N GLU C 227 25.00 -18.95 -13.84
CA GLU C 227 25.68 -19.19 -12.58
C GLU C 227 27.20 -18.92 -12.70
N GLU C 228 27.79 -19.33 -13.82
CA GLU C 228 29.17 -19.07 -14.10
C GLU C 228 29.43 -17.52 -14.26
N ALA C 229 28.59 -16.83 -15.03
CA ALA C 229 28.73 -15.40 -15.23
C ALA C 229 28.67 -14.64 -13.89
N HIS C 230 27.74 -15.02 -13.04
CA HIS C 230 27.54 -14.32 -11.78
C HIS C 230 28.78 -14.44 -10.90
N LYS C 231 29.27 -15.67 -10.77
CA LYS C 231 30.46 -15.98 -9.99
C LYS C 231 31.71 -15.28 -10.52
N ALA C 232 31.92 -15.33 -11.82
CA ALA C 232 33.03 -14.62 -12.46
C ALA C 232 32.94 -13.09 -12.25
N LEU C 233 31.75 -12.53 -12.45
CA LEU C 233 31.57 -11.09 -12.19
C LEU C 233 31.90 -10.74 -10.76
N CYS C 234 31.62 -11.68 -9.85
CA CYS C 234 31.81 -11.45 -8.40
C CYS C 234 33.27 -11.40 -7.93
N THR C 235 34.20 -11.76 -8.80
CA THR C 235 35.64 -11.58 -8.52
C THR C 235 36.10 -10.13 -8.72
N LEU C 236 35.28 -9.29 -9.37
CA LEU C 236 35.66 -7.91 -9.68
C LEU C 236 35.57 -6.96 -8.50
N PRO C 237 36.51 -6.01 -8.41
CA PRO C 237 36.36 -5.04 -7.31
C PRO C 237 35.07 -4.18 -7.44
N GLY C 238 34.38 -4.02 -6.34
CA GLY C 238 33.10 -3.32 -6.29
C GLY C 238 31.91 -4.12 -6.80
N VAL C 239 32.11 -5.35 -7.28
CA VAL C 239 31.02 -6.11 -7.80
C VAL C 239 30.69 -7.24 -6.83
N GLY C 240 29.57 -7.08 -6.13
CA GLY C 240 28.96 -8.15 -5.32
C GLY C 240 27.80 -8.83 -6.02
N ALA C 241 27.11 -9.66 -5.25
CA ALA C 241 25.99 -10.44 -5.76
C ALA C 241 24.94 -9.58 -6.39
N LYS C 242 24.66 -8.45 -5.79
CA LYS C 242 23.58 -7.60 -6.27
C LYS C 242 23.92 -6.94 -7.63
N VAL C 243 25.11 -6.36 -7.72
CA VAL C 243 25.55 -5.75 -8.96
C VAL C 243 25.77 -6.79 -10.05
N ALA C 244 26.28 -7.95 -9.69
CA ALA C 244 26.50 -9.01 -10.67
C ALA C 244 25.15 -9.51 -11.27
N ASP C 245 24.08 -9.52 -10.46
CA ASP C 245 22.75 -9.87 -10.94
C ASP C 245 22.22 -8.77 -11.85
N CYS C 246 22.52 -7.52 -11.53
CA CYS C 246 22.09 -6.44 -12.41
C CYS C 246 22.68 -6.63 -13.76
N ILE C 247 23.97 -6.85 -13.81
CA ILE C 247 24.66 -6.98 -15.10
C ILE C 247 24.19 -8.18 -15.85
N CYS C 248 23.94 -9.25 -15.09
CA CYS C 248 23.51 -10.53 -15.63
C CYS C 248 22.12 -10.35 -16.27
N LEU C 249 21.22 -9.73 -15.52
CA LEU C 249 19.91 -9.36 -16.02
C LEU C 249 19.90 -8.39 -17.22
N MET C 250 20.68 -7.33 -17.17
CA MET C 250 20.45 -6.16 -18.08
C MET C 250 21.38 -6.18 -19.32
N ALA C 251 22.33 -7.12 -19.36
CA ALA C 251 23.41 -7.08 -20.36
C ALA C 251 23.98 -8.43 -20.79
N LEU C 252 23.85 -9.46 -19.97
CA LEU C 252 24.38 -10.78 -20.30
C LEU C 252 23.23 -11.78 -20.57
N ASP C 253 22.05 -11.26 -20.95
CA ASP C 253 20.91 -12.09 -21.41
C ASP C 253 20.55 -13.23 -20.42
N LYS C 254 20.40 -12.89 -19.14
CA LYS C 254 20.04 -13.85 -18.11
C LYS C 254 18.77 -13.31 -17.52
N PRO C 255 17.60 -13.65 -18.11
CA PRO C 255 16.36 -13.11 -17.61
C PRO C 255 15.93 -13.62 -16.26
N GLN C 256 16.51 -14.76 -15.84
CA GLN C 256 16.25 -15.31 -14.53
C GLN C 256 16.96 -14.63 -13.38
N ALA C 257 17.97 -13.78 -13.65
CA ALA C 257 18.64 -13.11 -12.54
C ALA C 257 17.71 -12.13 -11.84
N VAL C 258 17.76 -12.15 -10.51
CA VAL C 258 16.96 -11.30 -9.64
C VAL C 258 17.85 -10.55 -8.64
N PRO C 259 18.19 -9.26 -8.92
CA PRO C 259 19.02 -8.48 -7.95
C PRO C 259 18.34 -8.29 -6.61
N VAL C 260 18.96 -8.70 -5.52
CA VAL C 260 18.37 -8.57 -4.19
C VAL C 260 19.22 -7.65 -3.32
N ASP C 261 18.59 -6.64 -2.73
CA ASP C 261 19.17 -5.73 -1.70
C ASP C 261 18.09 -5.45 -0.63
N VAL C 262 18.42 -4.76 0.46
CA VAL C 262 17.44 -4.44 1.55
C VAL C 262 16.12 -3.81 1.08
N HIS C 263 16.11 -3.15 -0.07
CA HIS C 263 14.88 -2.60 -0.64
C HIS C 263 13.97 -3.69 -1.17
N VAL C 264 14.54 -4.73 -1.80
CA VAL C 264 13.76 -5.89 -2.30
C VAL C 264 13.22 -6.72 -1.14
N TRP C 265 14.01 -6.81 -0.06
CA TRP C 265 13.55 -7.50 1.15
C TRP C 265 12.27 -6.89 1.62
N GLN C 266 12.28 -5.55 1.69
CA GLN C 266 11.16 -4.77 2.17
C GLN C 266 9.92 -5.15 1.41
N ILE C 267 10.00 -5.05 0.09
CA ILE C 267 8.90 -5.35 -0.78
C ILE C 267 8.41 -6.80 -0.61
N ALA C 268 9.30 -7.76 -0.79
CA ALA C 268 8.92 -9.18 -0.70
C ALA C 268 8.17 -9.45 0.61
N HIS C 269 8.69 -8.88 1.70
CA HIS C 269 8.10 -9.07 3.00
C HIS C 269 6.69 -8.45 3.00
N ARG C 270 6.60 -7.21 2.56
CA ARG C 270 5.41 -6.41 2.79
C ARG C 270 4.29 -6.94 1.94
N ASP C 271 4.56 -7.11 0.66
CA ASP C 271 3.58 -7.49 -0.35
C ASP C 271 3.38 -9.00 -0.57
N TYR C 272 4.44 -9.81 -0.44
CA TYR C 272 4.41 -11.29 -0.63
C TYR C 272 4.47 -12.11 0.65
N GLY C 273 4.66 -11.49 1.80
CA GLY C 273 4.74 -12.20 3.09
C GLY C 273 5.99 -13.02 3.30
N TRP C 274 7.04 -12.68 2.56
CA TRP C 274 8.22 -13.55 2.56
C TRP C 274 9.03 -13.31 3.81
N HIS C 275 9.53 -14.40 4.38
CA HIS C 275 10.52 -14.36 5.42
C HIS C 275 11.54 -15.48 5.19
N PRO C 276 12.81 -15.26 5.57
CA PRO C 276 13.83 -16.28 5.34
C PRO C 276 13.54 -17.59 6.07
N LYS C 277 14.20 -18.67 5.60
CA LYS C 277 14.02 -20.05 6.11
C LYS C 277 14.37 -20.22 7.61
N THR C 278 15.28 -19.39 8.15
CA THR C 278 15.76 -19.46 9.56
C THR C 278 14.62 -19.56 10.59
N GLY C 283 16.84 -11.07 9.23
CA GLY C 283 17.41 -10.00 8.42
C GLY C 283 18.30 -10.49 7.28
N PRO C 284 18.81 -9.57 6.45
CA PRO C 284 19.57 -9.98 5.26
C PRO C 284 20.93 -10.63 5.56
N SER C 285 21.56 -11.15 4.50
CA SER C 285 22.79 -11.96 4.53
C SER C 285 22.96 -12.44 3.09
N PRO C 286 24.16 -12.87 2.72
CA PRO C 286 24.27 -13.47 1.36
C PRO C 286 23.36 -14.70 1.09
N LEU C 287 23.10 -15.49 2.13
CA LEU C 287 22.34 -16.74 2.00
C LEU C 287 20.85 -16.45 1.86
N ALA C 288 20.32 -15.61 2.75
CA ALA C 288 18.94 -15.24 2.71
C ALA C 288 18.63 -14.45 1.45
N ASN C 289 19.54 -13.60 0.98
CA ASN C 289 19.31 -12.94 -0.30
C ASN C 289 19.25 -13.91 -1.46
N LYS C 290 20.02 -15.00 -1.39
CA LYS C 290 20.01 -16.00 -2.45
C LYS C 290 18.69 -16.77 -2.39
N GLU C 291 18.27 -17.10 -1.16
CA GLU C 291 16.98 -17.72 -0.95
C GLU C 291 15.87 -16.83 -1.51
N LEU C 292 15.96 -15.50 -1.36
CA LEU C 292 14.95 -14.58 -1.92
C LEU C 292 14.91 -14.59 -3.43
N GLY C 293 16.07 -14.60 -4.05
CA GLY C 293 16.13 -14.66 -5.49
C GLY C 293 15.49 -15.94 -5.94
N ASN C 294 15.82 -17.03 -5.26
CA ASN C 294 15.21 -18.35 -5.57
C ASN C 294 13.69 -18.35 -5.38
N PHE C 295 13.19 -17.77 -4.31
CA PHE C 295 11.74 -17.58 -4.16
C PHE C 295 11.15 -16.98 -5.41
N PHE C 296 11.65 -15.85 -5.88
CA PHE C 296 11.02 -15.22 -7.10
C PHE C 296 11.20 -15.99 -8.40
N ARG C 297 12.31 -16.72 -8.57
CA ARG C 297 12.51 -17.58 -9.79
C ARG C 297 11.53 -18.75 -9.80
N ASN C 298 11.33 -19.35 -8.63
CA ASN C 298 10.39 -20.44 -8.45
C ASN C 298 8.94 -20.00 -8.73
N LEU C 299 8.54 -18.85 -8.16
CA LEU C 299 7.26 -18.20 -8.45
C LEU C 299 7.07 -17.83 -9.91
N TRP C 300 7.87 -16.92 -10.47
CA TRP C 300 7.64 -16.31 -11.82
C TRP C 300 8.21 -17.07 -12.98
N GLY C 301 9.26 -17.85 -12.76
CA GLY C 301 9.93 -18.58 -13.82
C GLY C 301 11.25 -18.04 -14.28
N PRO C 302 11.72 -18.50 -15.45
CA PRO C 302 13.00 -18.13 -15.96
C PRO C 302 13.16 -16.63 -16.54
N TYR C 303 12.12 -15.79 -16.47
CA TYR C 303 12.23 -14.35 -16.78
C TYR C 303 11.83 -13.63 -15.50
N ALA C 304 12.17 -14.22 -14.34
CA ALA C 304 11.84 -13.62 -13.07
C ALA C 304 12.28 -12.19 -12.97
N GLY C 305 13.46 -11.87 -13.52
CA GLY C 305 14.01 -10.53 -13.38
C GLY C 305 13.25 -9.44 -14.15
N TRP C 306 12.68 -9.81 -15.28
CA TRP C 306 11.77 -8.93 -16.03
C TRP C 306 10.53 -8.63 -15.21
N ALA C 307 10.12 -9.56 -14.37
CA ALA C 307 8.95 -9.34 -13.52
C ALA C 307 9.34 -8.41 -12.37
N GLN C 308 10.54 -8.59 -11.86
CA GLN C 308 11.04 -7.66 -10.88
C GLN C 308 11.09 -6.22 -11.40
N ALA C 309 11.53 -6.05 -12.65
CA ALA C 309 11.54 -4.73 -13.29
C ALA C 309 10.17 -4.06 -13.31
N VAL C 310 9.11 -4.82 -13.58
CA VAL C 310 7.79 -4.24 -13.58
C VAL C 310 7.45 -3.71 -12.19
N LEU C 311 7.73 -4.50 -11.16
CA LEU C 311 7.51 -4.01 -9.82
C LEU C 311 8.49 -2.91 -9.40
N PHE C 312 9.69 -2.85 -10.00
CA PHE C 312 10.66 -1.78 -9.67
C PHE C 312 10.16 -0.43 -10.21
N SER C 313 9.78 -0.38 -11.48
CA SER C 313 9.12 0.79 -12.09
C SER C 313 7.84 1.22 -11.42
N ALA C 314 7.02 0.27 -11.00
CA ALA C 314 5.82 0.56 -10.22
C ALA C 314 6.13 1.14 -8.84
N ASP C 315 7.22 0.71 -8.22
CA ASP C 315 7.62 1.21 -6.90
C ASP C 315 8.20 2.64 -6.97
N LEU C 316 8.77 2.99 -8.13
CA LEU C 316 9.24 4.36 -8.36
C LEU C 316 8.09 5.35 -8.47
N ARG C 317 6.90 4.86 -8.88
CA ARG C 317 5.67 5.65 -9.08
C ARG C 317 5.84 6.70 -10.18
C10 IKL D . -1.05 9.21 18.72
C13 IKL D . 0.03 8.92 21.48
C20 IKL D . 3.40 10.10 20.14
C21 IKL D . 3.17 11.40 19.37
C22 IKL D . 4.44 12.00 18.73
C24 IKL D . 5.82 10.04 19.56
C26 IKL D . -3.00 7.26 18.57
C01 IKL D . -5.38 5.96 13.90
C02 IKL D . -4.07 6.33 14.60
N03 IKL D . -4.00 6.84 15.83
N04 IKL D . -2.69 7.05 16.14
C05 IKL D . -1.92 6.69 15.11
C06 IKL D . -0.39 6.73 15.02
C07 IKL D . -2.78 6.22 14.13
C08 IKL D . -2.32 7.65 17.42
C09 IKL D . -1.36 8.64 17.50
C11 IKL D . -1.73 8.83 19.89
C12 IKL D . -1.37 9.43 21.27
O14 IKL D . 0.23 7.91 22.05
N15 IKL D . 1.09 9.72 20.91
C16 IKL D . 2.47 9.35 20.89
N17 IKL D . 3.08 8.24 21.36
O18 IKL D . 4.39 8.32 20.98
C19 IKL D . 4.57 9.44 20.21
C23 IKL D . 5.58 11.03 18.43
C25 IKL D . -2.70 7.84 19.79
NI NI E . 6.54 -10.33 8.93
C10 IKL F . 5.53 -17.19 1.27
C13 IKL F . 8.06 -19.21 0.99
C20 IKL F . 10.92 -20.49 -1.14
C21 IKL F . 10.24 -21.22 -2.33
C22 IKL F . 11.22 -21.94 -3.29
C24 IKL F . 13.24 -20.84 -2.05
C26 IKL F . 4.47 -18.06 3.73
C01 IKL F . 2.80 -14.42 7.48
C02 IKL F . 2.93 -14.87 6.03
N03 IKL F . 3.80 -15.77 5.55
N04 IKL F . 3.53 -15.87 4.18
C05 IKL F . 2.56 -15.07 3.82
C06 IKL F . 1.96 -14.88 2.41
C07 IKL F . 2.15 -14.42 4.96
C08 IKL F . 4.27 -16.76 3.31
C09 IKL F . 4.81 -16.31 2.09
C11 IKL F . 5.71 -18.50 1.70
C12 IKL F . 6.52 -19.47 0.86
O14 IKL F . 8.60 -18.47 1.77
N15 IKL F . 8.86 -19.96 0.07
C16 IKL F . 10.30 -19.91 -0.01
N17 IKL F . 11.25 -19.39 0.81
O18 IKL F . 12.45 -19.63 0.21
C19 IKL F . 12.26 -20.31 -0.98
C23 IKL F . 12.70 -22.05 -2.84
C25 IKL F . 5.20 -18.92 2.92
#